data_2X38
#
_entry.id   2X38
#
_cell.length_a   142.420
_cell.length_b   64.660
_cell.length_c   116.900
_cell.angle_alpha   90.00
_cell.angle_beta   103.39
_cell.angle_gamma   90.00
#
_symmetry.space_group_name_H-M   'C 1 2 1'
#
loop_
_entity.id
_entity.type
_entity.pdbx_description
1 polymer 'PHOSPHATIDYLINOSITOL-4,5-BISPHOSPHATE 3-KINASE CATALYTIC SUBUNIT DELTA ISOFORM'
2 non-polymer 2-[(6-AMINO-9H-PURIN-9-YL)METHYL]-5-METHYL-3-(2-METHYLPHENYL)QUINAZOLIN-4(3H)-ONE
3 water water
#
_entity_poly.entity_id   1
_entity_poly.type   'polypeptide(L)'
_entity_poly.pdbx_seq_one_letter_code
;GGDRVKKLINSQISLLIGKGLHEFDSLRDPEVNDFRTKMRQFCEEAAAHRQQLGWVEWLQYSFPLQLEPSARGWRAGLLR
VSNRALLVNVKFEGSEESFTFQVSTKDMPLALMACALRKKATVFRQPLVEQPEEYALQVNGRHEYLYGNYPLCHFQYICS
CLHSGLTPHLTMVHSSSILAMRDEQSNPAPQVQKPRAKPPPIPAKKPSSVSLWSLEQPFSIELIEGRKVNADERMKLVVQ
AGLFHGNEMLCKTVSSSEVNVCSEPVWKQRLEFDISVCDLPRMARLCFALYAVVEKAKKARSTKKKSKKADCPIAWANLM
LFDYKDQLKTGERCLYMWPSVPDEKGELLNPAGTVRGNPNTESAAALVIYLPEVAPHPVYFPALEKILELGRHGERGRIT
EEEQLQLREILERRGSGELYEHEKDLVWKMRHEVQEHFPEALARLLLVTKWNKHEDVAQMLYLLCSWPELPVLSALELLD
FSFPDCYVGSFAIKSLRKLTDDELFQYLLQLVQVLKYESYLDCELTKFLLGRALANRKIGHFLFWHLRSEMHVPSVALRF
GLIMEAYCRGSTHHMKVLMKQGEALSKLKALNDFVKVSSQKTTKPQTKEMMHMCMRQETYMEALSHLQSPLDPSTLLEEV
CVEQCTFMDSKMKPLWIMYSSEEAGSAGNVGIIFKNGDDLRQDMLTLQMIQLMDVLWKQEGLDLRMTPYGCLPTGDRTGL
IEVVLHSDTIANIQLNKSNMAATAAFNKDALLNWLKSKNPGEALDRAIEEFTLSCAGYCVATYVLGIGDRHSDNIMIRES
GQLFHIDFGHFLGNFKTKFGINRERVPFILTYDFVHVIQQGKTNNSEKFERFRGYCERAYTILRRHGLLFLHLFALMRAA
GLPELSCSKDIQYLKDSLALGKTEEEALKHFRVKFNEALRESWKTKVNWLAHNVSKDNRQ
;
_entity_poly.pdbx_strand_id   A
#
loop_
_chem_comp.id
_chem_comp.type
_chem_comp.name
_chem_comp.formula
IC8 non-polymer 2-[(6-AMINO-9H-PURIN-9-YL)METHYL]-5-METHYL-3-(2-METHYLPHENYL)QUINAZOLIN-4(3H)-ONE 'C22 H19 N7 O'
#
# COMPACT_ATOMS: atom_id res chain seq x y z
N VAL A 5 7.15 27.72 -21.41
CA VAL A 5 6.55 26.36 -21.29
C VAL A 5 7.09 25.63 -20.04
N LYS A 6 8.39 25.75 -19.80
CA LYS A 6 9.04 25.27 -18.57
C LYS A 6 8.43 25.94 -17.32
N LYS A 7 8.04 27.20 -17.47
CA LYS A 7 7.27 27.93 -16.45
C LYS A 7 5.90 27.29 -16.20
N LEU A 8 5.19 26.92 -17.28
CA LEU A 8 3.88 26.26 -17.14
C LEU A 8 4.02 24.92 -16.42
N ILE A 9 5.01 24.12 -16.82
CA ILE A 9 5.23 22.80 -16.22
C ILE A 9 5.49 22.93 -14.73
N ASN A 10 6.38 23.85 -14.37
CA ASN A 10 6.70 24.13 -12.98
C ASN A 10 5.46 24.47 -12.16
N SER A 11 4.60 25.35 -12.67
CA SER A 11 3.38 25.67 -11.94
C SER A 11 2.37 24.50 -11.91
N GLN A 12 2.32 23.71 -12.97
CA GLN A 12 1.48 22.51 -12.96
C GLN A 12 1.90 21.48 -11.90
N ILE A 13 3.20 21.17 -11.86
CA ILE A 13 3.75 20.30 -10.81
C ILE A 13 3.38 20.83 -9.42
N SER A 14 3.65 22.11 -9.16
CA SER A 14 3.33 22.73 -7.86
C SER A 14 1.89 22.50 -7.46
N LEU A 15 1.01 22.69 -8.43
CA LEU A 15 -0.40 22.51 -8.17
C LEU A 15 -0.69 21.02 -7.95
N LEU A 16 -0.11 20.17 -8.80
CA LEU A 16 -0.29 18.71 -8.69
C LEU A 16 0.13 18.12 -7.34
N ILE A 17 1.32 18.47 -6.88
CA ILE A 17 1.89 17.84 -5.69
C ILE A 17 1.42 18.52 -4.41
N GLY A 18 0.69 19.63 -4.55
CA GLY A 18 0.23 20.39 -3.38
C GLY A 18 1.38 21.07 -2.63
N LYS A 19 2.45 21.42 -3.34
CA LYS A 19 3.56 22.16 -2.76
C LYS A 19 4.23 22.99 -3.83
N GLY A 20 4.37 24.28 -3.56
CA GLY A 20 5.06 25.20 -4.47
C GLY A 20 6.53 24.84 -4.54
N LEU A 21 7.06 24.71 -5.75
CA LEU A 21 8.46 24.33 -5.96
C LEU A 21 9.43 25.35 -5.37
N HIS A 22 8.99 26.62 -5.33
CA HIS A 22 9.75 27.73 -4.74
C HIS A 22 10.15 27.42 -3.31
N GLU A 23 9.31 26.67 -2.62
CA GLU A 23 9.57 26.23 -1.25
C GLU A 23 10.81 25.35 -1.16
N PHE A 24 11.05 24.53 -2.19
CA PHE A 24 12.29 23.75 -2.26
C PHE A 24 13.52 24.68 -2.36
N ASP A 25 13.44 25.66 -3.24
CA ASP A 25 14.53 26.64 -3.43
C ASP A 25 14.87 27.38 -2.16
N SER A 26 13.85 27.80 -1.42
CA SER A 26 14.02 28.70 -0.28
C SER A 26 14.81 28.08 0.86
N LEU A 27 14.84 26.75 0.89
CA LEU A 27 15.59 26.03 1.91
C LEU A 27 17.10 26.19 1.77
N ARG A 28 17.57 26.56 0.57
CA ARG A 28 19.00 26.65 0.29
C ARG A 28 19.74 25.45 0.88
N ASP A 29 19.22 24.27 0.58
CA ASP A 29 19.76 23.02 1.09
C ASP A 29 20.49 22.29 -0.03
N PRO A 30 21.83 22.09 0.14
CA PRO A 30 22.62 21.34 -0.82
C PRO A 30 22.04 19.94 -1.08
N GLU A 31 21.66 19.23 -0.02
CA GLU A 31 21.10 17.89 -0.21
C GLU A 31 19.86 17.90 -1.09
N VAL A 32 18.93 18.81 -0.81
CA VAL A 32 17.68 18.89 -1.60
C VAL A 32 18.00 19.17 -3.07
N ASN A 33 18.88 20.15 -3.27
CA ASN A 33 19.34 20.58 -4.59
C ASN A 33 19.99 19.47 -5.37
N ASP A 34 20.85 18.73 -4.70
CA ASP A 34 21.51 17.59 -5.31
C ASP A 34 20.47 16.51 -5.61
N PHE A 35 19.59 16.22 -4.66
CA PHE A 35 18.49 15.31 -4.90
C PHE A 35 17.72 15.68 -6.15
N ARG A 36 17.38 16.96 -6.29
CA ARG A 36 16.50 17.41 -7.36
C ARG A 36 17.16 17.32 -8.73
N THR A 37 18.44 17.65 -8.80
CA THR A 37 19.10 17.67 -10.10
C THR A 37 19.47 16.27 -10.63
N LYS A 38 19.95 15.39 -9.75
CA LYS A 38 20.30 14.01 -10.13
C LYS A 38 19.05 13.23 -10.48
N MET A 39 18.01 13.41 -9.67
CA MET A 39 16.80 12.64 -9.87
C MET A 39 15.99 13.16 -11.04
N ARG A 40 16.20 14.42 -11.40
CA ARG A 40 15.65 14.95 -12.64
C ARG A 40 16.33 14.30 -13.86
N GLN A 41 17.65 14.21 -13.78
CA GLN A 41 18.48 13.65 -14.85
C GLN A 41 18.05 12.22 -15.15
N PHE A 42 17.98 11.41 -14.10
CA PHE A 42 17.57 10.03 -14.22
C PHE A 42 16.16 9.89 -14.81
N CYS A 43 15.22 10.68 -14.28
CA CYS A 43 13.82 10.60 -14.71
C CYS A 43 13.64 11.02 -16.16
N GLU A 44 14.33 12.08 -16.57
CA GLU A 44 14.37 12.49 -17.98
C GLU A 44 14.95 11.45 -18.95
N GLU A 45 15.98 10.72 -18.53
CA GLU A 45 16.54 9.65 -19.37
C GLU A 45 15.57 8.48 -19.50
N ALA A 46 14.80 8.24 -18.44
CA ALA A 46 13.74 7.25 -18.49
C ALA A 46 12.69 7.65 -19.51
N ALA A 47 12.30 8.92 -19.50
CA ALA A 47 11.31 9.43 -20.45
C ALA A 47 11.82 9.24 -21.87
N ALA A 48 13.11 9.53 -22.06
CA ALA A 48 13.73 9.41 -23.37
C ALA A 48 13.59 7.99 -23.88
N HIS A 49 14.06 7.05 -23.06
CA HIS A 49 13.95 5.63 -23.36
C HIS A 49 12.53 5.23 -23.81
N ARG A 50 11.54 5.80 -23.13
CA ARG A 50 10.14 5.42 -23.30
C ARG A 50 9.55 5.83 -24.65
N GLN A 51 9.96 6.97 -25.16
CA GLN A 51 9.28 7.56 -26.31
C GLN A 51 9.72 6.95 -27.63
N GLN A 52 10.67 6.02 -27.51
CA GLN A 52 11.17 5.26 -28.64
C GLN A 52 10.90 3.76 -28.52
N LEU A 53 10.21 3.35 -27.44
CA LEU A 53 9.74 1.98 -27.29
C LEU A 53 8.97 1.48 -28.53
N GLY A 54 9.07 0.18 -28.82
CA GLY A 54 8.22 -0.44 -29.84
C GLY A 54 6.77 -0.39 -29.38
N TRP A 55 5.83 -0.61 -30.29
CA TRP A 55 4.42 -0.48 -29.95
C TRP A 55 3.90 -1.50 -28.93
N VAL A 56 4.36 -2.74 -29.00
CA VAL A 56 4.01 -3.73 -27.98
C VAL A 56 4.63 -3.36 -26.62
N GLU A 57 5.87 -2.87 -26.67
CA GLU A 57 6.52 -2.41 -25.46
C GLU A 57 5.77 -1.20 -24.90
N TRP A 58 5.30 -0.32 -25.78
CA TRP A 58 4.47 0.81 -25.35
C TRP A 58 3.26 0.33 -24.54
N LEU A 59 2.55 -0.64 -25.10
CA LEU A 59 1.35 -1.16 -24.47
C LEU A 59 1.71 -1.71 -23.10
N GLN A 60 2.83 -2.44 -23.05
CA GLN A 60 3.35 -3.00 -21.80
C GLN A 60 3.61 -1.92 -20.75
N TYR A 61 4.12 -0.78 -21.20
CA TYR A 61 4.40 0.33 -20.31
C TYR A 61 3.10 0.93 -19.79
N SER A 62 2.19 1.19 -20.71
CA SER A 62 1.00 2.00 -20.43
C SER A 62 -0.21 1.20 -19.96
N PHE A 63 -0.39 0.01 -20.53
CA PHE A 63 -1.51 -0.88 -20.19
C PHE A 63 -1.00 -2.28 -19.81
N PRO A 64 -0.29 -2.40 -18.66
CA PRO A 64 0.29 -3.70 -18.32
C PRO A 64 -0.80 -4.78 -18.23
N LEU A 65 -0.47 -6.00 -18.64
CA LEU A 65 -1.44 -7.09 -18.70
C LEU A 65 -2.11 -7.38 -17.35
N GLN A 66 -3.41 -7.63 -17.39
CA GLN A 66 -4.15 -7.99 -16.20
C GLN A 66 -4.48 -9.48 -16.25
N LEU A 67 -3.58 -10.26 -15.63
CA LEU A 67 -3.61 -11.72 -15.68
C LEU A 67 -4.08 -12.35 -14.36
N GLU A 68 -4.64 -13.55 -14.46
CA GLU A 68 -5.02 -14.34 -13.29
C GLU A 68 -3.74 -14.87 -12.62
N PRO A 69 -3.77 -15.00 -11.28
CA PRO A 69 -2.60 -15.44 -10.51
C PRO A 69 -2.08 -16.84 -10.88
N ASN A 83 -11.01 -26.84 -25.15
CA ASN A 83 -11.63 -26.96 -23.85
C ASN A 83 -13.07 -26.42 -23.81
N ARG A 84 -13.23 -25.16 -23.39
CA ARG A 84 -14.55 -24.57 -23.15
C ARG A 84 -14.96 -23.49 -24.17
N ALA A 85 -16.06 -23.73 -24.86
CA ALA A 85 -16.61 -22.75 -25.81
C ALA A 85 -17.10 -21.48 -25.09
N LEU A 86 -16.75 -20.32 -25.63
CA LEU A 86 -17.30 -19.05 -25.14
C LEU A 86 -17.53 -18.05 -26.27
N LEU A 87 -18.49 -17.15 -26.07
CA LEU A 87 -18.79 -16.12 -27.06
C LEU A 87 -18.13 -14.78 -26.72
N VAL A 88 -17.58 -14.12 -27.74
CA VAL A 88 -16.89 -12.82 -27.58
C VAL A 88 -17.26 -11.90 -28.73
N ASN A 89 -17.77 -10.71 -28.40
CA ASN A 89 -18.08 -9.69 -29.40
C ASN A 89 -16.84 -8.88 -29.76
N VAL A 90 -16.54 -8.76 -31.06
CA VAL A 90 -15.33 -8.06 -31.52
C VAL A 90 -15.66 -7.03 -32.58
N LYS A 91 -15.05 -5.86 -32.45
CA LYS A 91 -15.27 -4.73 -33.36
C LYS A 91 -13.94 -4.06 -33.69
N PHE A 92 -13.99 -3.13 -34.63
CA PHE A 92 -12.80 -2.36 -35.00
C PHE A 92 -12.95 -0.91 -34.54
N GLU A 93 -11.81 -0.26 -34.32
CA GLU A 93 -11.74 1.10 -33.76
C GLU A 93 -12.71 2.15 -34.39
N GLY A 94 -12.67 2.28 -35.71
CA GLY A 94 -13.43 3.35 -36.39
C GLY A 94 -14.82 3.04 -36.94
N SER A 95 -15.44 1.94 -36.49
CA SER A 95 -16.77 1.54 -36.98
C SER A 95 -17.61 0.80 -35.93
N GLU A 96 -18.93 0.97 -35.98
CA GLU A 96 -19.81 0.37 -34.95
C GLU A 96 -20.32 -1.04 -35.28
N GLU A 97 -20.00 -1.53 -36.48
CA GLU A 97 -20.34 -2.90 -36.84
C GLU A 97 -19.43 -3.90 -36.13
N SER A 98 -20.02 -4.95 -35.57
CA SER A 98 -19.28 -5.93 -34.79
C SER A 98 -19.71 -7.35 -35.14
N PHE A 99 -18.98 -8.33 -34.63
CA PHE A 99 -19.29 -9.73 -34.84
C PHE A 99 -19.14 -10.47 -33.52
N THR A 100 -20.09 -11.36 -33.23
CA THR A 100 -19.99 -12.23 -32.07
C THR A 100 -19.44 -13.57 -32.54
N PHE A 101 -18.23 -13.90 -32.09
CA PHE A 101 -17.56 -15.13 -32.47
C PHE A 101 -17.83 -16.22 -31.45
N GLN A 102 -17.58 -17.46 -31.84
CA GLN A 102 -17.37 -18.51 -30.88
C GLN A 102 -15.87 -18.83 -30.88
N VAL A 103 -15.27 -18.85 -29.69
CA VAL A 103 -13.89 -19.30 -29.51
C VAL A 103 -13.74 -20.19 -28.28
N SER A 104 -12.53 -20.70 -28.08
CA SER A 104 -12.24 -21.55 -26.95
C SER A 104 -11.42 -20.76 -25.93
N THR A 105 -11.73 -20.99 -24.66
CA THR A 105 -10.96 -20.43 -23.56
C THR A 105 -9.48 -20.87 -23.59
N LYS A 106 -9.14 -21.78 -24.51
CA LYS A 106 -7.77 -22.27 -24.66
C LYS A 106 -6.97 -21.47 -25.70
N ASP A 107 -7.69 -20.86 -26.64
CA ASP A 107 -7.08 -20.09 -27.74
C ASP A 107 -6.31 -18.87 -27.26
N MET A 108 -5.29 -18.47 -28.04
CA MET A 108 -4.52 -17.25 -27.81
C MET A 108 -5.28 -16.08 -28.43
N PRO A 109 -4.96 -14.83 -28.02
CA PRO A 109 -5.55 -13.65 -28.65
C PRO A 109 -5.39 -13.64 -30.16
N LEU A 110 -4.26 -14.15 -30.66
CA LEU A 110 -3.91 -14.14 -32.09
C LEU A 110 -4.95 -14.82 -32.97
N ALA A 111 -5.41 -16.00 -32.56
CA ALA A 111 -6.45 -16.75 -33.24
C ALA A 111 -7.76 -15.96 -33.32
N LEU A 112 -8.16 -15.40 -32.18
CA LEU A 112 -9.33 -14.52 -32.13
C LEU A 112 -9.16 -13.33 -33.08
N MET A 113 -7.95 -12.78 -33.15
CA MET A 113 -7.68 -11.64 -34.02
C MET A 113 -7.73 -12.06 -35.50
N ALA A 114 -7.25 -13.27 -35.78
CA ALA A 114 -7.34 -13.89 -37.12
C ALA A 114 -8.77 -14.07 -37.60
N CYS A 115 -9.65 -14.50 -36.70
CA CYS A 115 -11.07 -14.62 -36.99
C CYS A 115 -11.66 -13.28 -37.39
N ALA A 116 -11.37 -12.25 -36.59
CA ALA A 116 -11.98 -10.95 -36.77
C ALA A 116 -11.56 -10.28 -38.08
N LEU A 117 -10.34 -10.58 -38.51
CA LEU A 117 -9.83 -9.99 -39.75
C LEU A 117 -10.42 -10.68 -40.99
N ARG A 118 -10.62 -11.99 -40.92
CA ARG A 118 -11.25 -12.74 -42.01
C ARG A 118 -12.71 -12.32 -42.14
N LYS A 119 -13.39 -12.15 -41.01
CA LYS A 119 -14.74 -11.58 -40.97
C LYS A 119 -14.81 -10.20 -41.62
N LYS A 120 -13.87 -9.32 -41.29
CA LYS A 120 -13.79 -7.98 -41.88
C LYS A 120 -13.59 -8.04 -43.39
N ALA A 121 -12.67 -8.91 -43.81
CA ALA A 121 -12.39 -9.14 -45.23
C ALA A 121 -13.61 -9.63 -46.00
N THR A 122 -14.45 -10.46 -45.37
CA THR A 122 -15.63 -11.01 -46.03
C THR A 122 -16.78 -10.00 -46.17
N VAL A 123 -17.02 -9.21 -45.12
CA VAL A 123 -18.05 -8.17 -45.14
C VAL A 123 -17.63 -7.07 -46.11
N PHE A 124 -16.35 -6.70 -46.09
CA PHE A 124 -15.79 -5.71 -47.01
C PHE A 124 -15.42 -6.28 -48.39
N ARG A 125 -15.80 -7.54 -48.64
CA ARG A 125 -15.56 -8.26 -49.92
C ARG A 125 -14.08 -8.40 -50.35
N GLN A 126 -13.14 -8.12 -49.44
CA GLN A 126 -11.69 -8.18 -49.68
C GLN A 126 -11.25 -7.22 -50.80
N GLN A 131 -3.22 -9.32 -41.17
CA GLN A 131 -2.01 -9.54 -40.39
C GLN A 131 -2.21 -9.37 -38.86
N PRO A 132 -2.57 -10.47 -38.17
CA PRO A 132 -2.94 -10.53 -36.75
C PRO A 132 -1.90 -9.87 -35.85
N GLU A 133 -0.63 -10.02 -36.20
CA GLU A 133 0.47 -9.46 -35.44
C GLU A 133 0.46 -7.92 -35.37
N GLU A 134 -0.24 -7.27 -36.29
CA GLU A 134 -0.30 -5.80 -36.33
C GLU A 134 -1.31 -5.18 -35.34
N TYR A 135 -1.89 -5.99 -34.46
CA TYR A 135 -2.97 -5.55 -33.60
C TYR A 135 -2.84 -5.91 -32.14
N ALA A 136 -3.59 -5.19 -31.33
CA ALA A 136 -3.88 -5.59 -29.96
C ALA A 136 -5.39 -5.49 -29.74
N LEU A 137 -5.88 -6.15 -28.71
CA LEU A 137 -7.29 -6.12 -28.38
C LEU A 137 -7.56 -5.29 -27.13
N GLN A 138 -8.22 -4.14 -27.31
CA GLN A 138 -8.73 -3.33 -26.19
C GLN A 138 -10.04 -3.88 -25.64
N VAL A 139 -10.16 -3.87 -24.31
CA VAL A 139 -11.42 -4.12 -23.62
C VAL A 139 -12.25 -2.84 -23.80
N ASN A 140 -13.52 -2.99 -24.16
CA ASN A 140 -14.32 -1.85 -24.58
C ASN A 140 -14.47 -0.80 -23.47
N GLY A 141 -14.22 0.46 -23.81
CA GLY A 141 -14.32 1.57 -22.86
C GLY A 141 -13.43 1.53 -21.62
N ARG A 142 -12.38 0.69 -21.65
CA ARG A 142 -11.42 0.64 -20.53
C ARG A 142 -10.00 0.82 -21.06
N HIS A 143 -9.07 1.27 -20.21
CA HIS A 143 -7.65 1.26 -20.59
C HIS A 143 -7.04 -0.11 -20.26
N GLU A 144 -7.57 -1.16 -20.88
CA GLU A 144 -7.12 -2.54 -20.63
C GLU A 144 -7.02 -3.26 -21.97
N TYR A 145 -5.96 -4.02 -22.13
CA TYR A 145 -5.62 -4.58 -23.42
C TYR A 145 -5.24 -6.04 -23.29
N LEU A 146 -5.74 -6.84 -24.23
CA LEU A 146 -5.38 -8.27 -24.32
C LEU A 146 -4.37 -8.47 -25.46
N TYR A 147 -3.25 -9.09 -25.11
CA TYR A 147 -2.18 -9.40 -26.07
C TYR A 147 -1.22 -10.39 -25.41
N GLY A 148 -0.29 -10.94 -26.20
CA GLY A 148 0.69 -11.92 -25.72
C GLY A 148 0.24 -13.36 -25.92
N ASN A 149 1.16 -14.30 -25.74
CA ASN A 149 0.82 -15.73 -25.84
C ASN A 149 0.20 -16.21 -24.55
N TYR A 150 -1.09 -15.97 -24.40
CA TYR A 150 -1.82 -16.35 -23.20
C TYR A 150 -3.19 -16.84 -23.60
N PRO A 151 -3.59 -18.03 -23.13
CA PRO A 151 -4.96 -18.45 -23.40
C PRO A 151 -5.92 -17.46 -22.75
N LEU A 152 -7.00 -17.15 -23.46
CA LEU A 152 -7.95 -16.11 -23.05
C LEU A 152 -8.32 -16.14 -21.56
N CYS A 153 -8.38 -17.33 -20.97
CA CYS A 153 -8.77 -17.46 -19.57
C CYS A 153 -7.68 -17.05 -18.55
N HIS A 154 -6.44 -16.91 -19.01
CA HIS A 154 -5.37 -16.34 -18.18
C HIS A 154 -5.57 -14.82 -18.00
N PHE A 155 -6.33 -14.19 -18.90
CA PHE A 155 -6.64 -12.76 -18.78
C PHE A 155 -7.76 -12.57 -17.78
N GLN A 156 -7.54 -11.73 -16.77
CA GLN A 156 -8.55 -11.46 -15.75
C GLN A 156 -9.89 -11.10 -16.38
N TYR A 157 -9.86 -10.27 -17.44
CA TYR A 157 -11.09 -9.88 -18.08
C TYR A 157 -11.86 -11.05 -18.71
N ILE A 158 -11.20 -11.93 -19.44
CA ILE A 158 -11.92 -13.06 -20.04
C ILE A 158 -12.34 -14.04 -18.97
N CYS A 159 -11.40 -14.38 -18.08
CA CYS A 159 -11.71 -15.31 -16.98
C CYS A 159 -12.90 -14.84 -16.14
N SER A 160 -12.94 -13.54 -15.87
CA SER A 160 -14.00 -12.97 -15.03
C SER A 160 -15.36 -13.01 -15.72
N CYS A 161 -15.38 -12.78 -17.03
CA CYS A 161 -16.60 -12.77 -17.83
C CYS A 161 -17.34 -14.10 -17.77
N LEU A 162 -16.57 -15.17 -17.68
CA LEU A 162 -17.09 -16.52 -17.46
C LEU A 162 -18.03 -16.60 -16.26
N HIS A 163 -17.52 -16.22 -15.09
CA HIS A 163 -18.25 -16.37 -13.84
C HIS A 163 -19.53 -15.55 -13.74
N SER A 164 -19.51 -14.34 -14.28
CA SER A 164 -20.74 -13.52 -14.36
C SER A 164 -21.67 -14.06 -15.45
N GLY A 165 -21.07 -14.66 -16.49
CA GLY A 165 -21.82 -15.15 -17.62
C GLY A 165 -21.95 -14.11 -18.72
N LEU A 166 -21.23 -12.99 -18.57
CA LEU A 166 -21.22 -11.92 -19.59
C LEU A 166 -20.32 -12.23 -20.79
N THR A 167 -20.76 -11.78 -21.98
CA THR A 167 -19.99 -11.89 -23.23
C THR A 167 -18.88 -10.84 -23.23
N PRO A 168 -17.61 -11.27 -23.37
CA PRO A 168 -16.51 -10.32 -23.57
C PRO A 168 -16.75 -9.41 -24.77
N HIS A 169 -16.42 -8.13 -24.61
CA HIS A 169 -16.56 -7.15 -25.70
C HIS A 169 -15.20 -6.52 -25.94
N LEU A 170 -14.67 -6.78 -27.15
CA LEU A 170 -13.29 -6.39 -27.47
C LEU A 170 -13.20 -5.55 -28.75
N THR A 171 -12.19 -4.68 -28.80
CA THR A 171 -11.97 -3.87 -30.00
C THR A 171 -10.57 -4.13 -30.58
N MET A 172 -10.52 -4.47 -31.86
CA MET A 172 -9.26 -4.61 -32.59
C MET A 172 -8.63 -3.22 -32.72
N VAL A 173 -7.40 -3.09 -32.23
CA VAL A 173 -6.69 -1.81 -32.32
C VAL A 173 -5.35 -2.02 -33.02
N HIS A 174 -5.14 -1.26 -34.10
CA HIS A 174 -3.93 -1.34 -34.93
C HIS A 174 -2.68 -0.67 -34.34
N SER A 175 -1.52 -1.22 -34.64
CA SER A 175 -0.22 -0.67 -34.17
C SER A 175 0.03 0.83 -34.46
N SER A 176 -0.47 1.32 -35.59
CA SER A 176 -0.33 2.74 -35.94
C SER A 176 -1.15 3.63 -35.00
N SER A 177 -2.23 3.07 -34.47
CA SER A 177 -3.10 3.78 -33.55
C SER A 177 -2.46 3.79 -32.17
N ILE A 178 -1.76 2.72 -31.84
CA ILE A 178 -1.08 2.64 -30.57
C ILE A 178 0.12 3.60 -30.57
N LEU A 179 0.88 3.62 -31.66
CA LEU A 179 2.05 4.50 -31.74
C LEU A 179 1.71 5.99 -31.73
N ALA A 180 0.56 6.35 -32.29
CA ALA A 180 0.04 7.69 -32.20
C ALA A 180 -0.19 8.09 -30.74
N MET A 181 -0.62 7.13 -29.92
CA MET A 181 -0.74 7.37 -28.49
C MET A 181 0.62 7.65 -27.86
N ARG A 182 1.60 6.79 -28.13
CA ARG A 182 2.98 7.00 -27.65
C ARG A 182 3.47 8.39 -28.01
N ASP A 183 3.41 8.70 -29.30
CA ASP A 183 3.84 9.98 -29.85
C ASP A 183 3.22 11.19 -29.15
N GLU A 184 1.92 11.13 -28.90
CA GLU A 184 1.19 12.23 -28.27
C GLU A 184 1.59 12.48 -26.81
N GLN A 185 2.24 11.49 -26.20
CA GLN A 185 2.59 11.52 -24.77
C GLN A 185 4.05 11.92 -24.54
N SER A 186 4.64 12.52 -25.57
CA SER A 186 6.00 13.08 -25.53
C SER A 186 6.14 14.22 -24.51
N ASN A 187 7.33 14.32 -23.92
CA ASN A 187 7.59 15.23 -22.78
C ASN A 187 7.69 16.73 -23.09
N LEU A 212 38.02 9.57 10.46
CA LEU A 212 38.33 8.23 9.97
C LEU A 212 38.73 7.35 11.15
N TRP A 213 39.53 6.32 10.92
CA TRP A 213 39.88 5.33 11.95
C TRP A 213 40.72 5.85 13.13
N SER A 214 41.22 7.08 13.03
CA SER A 214 42.25 7.59 13.95
C SER A 214 41.77 7.97 15.36
N LEU A 215 40.49 8.29 15.48
CA LEU A 215 39.95 8.99 16.65
C LEU A 215 39.44 8.05 17.75
N GLU A 216 40.18 7.96 18.85
CA GLU A 216 39.90 7.02 19.95
C GLU A 216 39.12 7.63 21.12
N GLN A 217 39.14 8.95 21.24
CA GLN A 217 38.42 9.65 22.30
C GLN A 217 36.93 9.31 22.28
N PRO A 218 36.29 9.25 23.46
CA PRO A 218 34.85 8.99 23.58
C PRO A 218 34.01 10.05 22.87
N PHE A 219 32.90 9.62 22.26
CA PHE A 219 31.99 10.56 21.62
C PHE A 219 31.37 11.47 22.68
N SER A 220 31.22 12.74 22.32
CA SER A 220 30.64 13.72 23.23
C SER A 220 29.99 14.85 22.44
N ILE A 221 28.96 15.44 23.04
CA ILE A 221 28.38 16.66 22.51
C ILE A 221 28.23 17.63 23.67
N GLU A 222 28.00 18.88 23.34
CA GLU A 222 27.56 19.86 24.32
C GLU A 222 26.10 20.16 24.06
N LEU A 223 25.32 20.08 25.13
CA LEU A 223 23.97 20.59 25.12
C LEU A 223 24.06 22.03 25.59
N ILE A 224 23.80 22.96 24.68
CA ILE A 224 23.87 24.38 25.00
C ILE A 224 22.59 24.85 25.68
N GLU A 225 21.50 24.93 24.90
CA GLU A 225 20.23 25.52 25.37
C GLU A 225 19.00 25.21 24.47
N GLY A 226 17.81 25.60 24.92
CA GLY A 226 16.56 25.39 24.18
C GLY A 226 15.51 26.49 24.31
N ARG A 227 14.32 26.27 23.74
CA ARG A 227 13.19 27.24 23.79
C ARG A 227 11.78 26.62 23.76
N LYS A 228 11.37 26.05 24.90
CA LYS A 228 10.16 25.25 25.03
C LYS A 228 9.02 25.81 25.91
N VAL A 229 7.99 24.99 26.12
CA VAL A 229 6.79 25.32 26.89
C VAL A 229 6.31 24.17 27.83
N ASN A 230 6.22 24.44 29.14
CA ASN A 230 5.67 23.44 30.12
C ASN A 230 5.32 23.94 31.53
N ALA A 231 5.11 22.98 32.46
CA ALA A 231 4.60 23.22 33.80
C ALA A 231 5.69 23.09 34.88
N MET A 235 8.40 22.37 38.59
CA MET A 235 8.86 21.22 37.79
C MET A 235 10.20 21.45 37.09
N LYS A 236 10.96 20.37 36.92
CA LYS A 236 12.25 20.43 36.23
C LYS A 236 12.19 19.87 34.82
N LEU A 237 13.14 20.31 33.98
CA LEU A 237 13.37 19.75 32.65
C LEU A 237 14.63 18.89 32.65
N VAL A 238 14.63 17.85 31.81
CA VAL A 238 15.79 16.98 31.62
C VAL A 238 15.89 16.66 30.13
N VAL A 239 17.10 16.40 29.65
CA VAL A 239 17.30 15.96 28.29
C VAL A 239 17.98 14.59 28.32
N GLN A 240 17.33 13.60 27.70
CA GLN A 240 17.94 12.28 27.51
C GLN A 240 18.44 12.16 26.08
N ALA A 241 19.64 11.62 25.94
CA ALA A 241 20.23 11.46 24.62
C ALA A 241 20.82 10.08 24.48
N GLY A 242 20.62 9.49 23.30
CA GLY A 242 21.17 8.19 22.96
C GLY A 242 21.60 8.13 21.50
N LEU A 243 22.54 7.23 21.23
CA LEU A 243 23.01 6.93 19.87
C LEU A 243 22.45 5.55 19.52
N PHE A 244 21.89 5.44 18.33
CA PHE A 244 21.24 4.21 17.91
C PHE A 244 21.73 3.79 16.54
N HIS A 245 21.70 2.49 16.28
CA HIS A 245 21.89 1.95 14.95
C HIS A 245 20.70 1.01 14.73
N GLY A 246 19.66 1.51 14.06
CA GLY A 246 18.38 0.83 13.99
C GLY A 246 17.65 0.94 15.32
N ASN A 247 17.10 -0.17 15.80
CA ASN A 247 16.48 -0.22 17.13
C ASN A 247 17.50 -0.27 18.27
N GLU A 248 18.67 -0.84 17.97
CA GLU A 248 19.69 -1.10 18.98
C GLU A 248 20.57 0.10 19.36
N MET A 249 20.69 0.35 20.66
CA MET A 249 21.60 1.38 21.16
C MET A 249 23.05 0.94 20.98
N LEU A 250 23.92 1.87 20.61
CA LEU A 250 25.35 1.56 20.40
C LEU A 250 26.14 1.68 21.68
N CYS A 251 25.51 2.30 22.68
CA CYS A 251 26.03 2.42 24.03
C CYS A 251 24.89 2.95 24.87
N LYS A 252 25.09 2.95 26.19
CA LYS A 252 24.08 3.45 27.12
C LYS A 252 23.67 4.89 26.84
N THR A 253 22.43 5.22 27.20
CA THR A 253 21.94 6.58 27.04
C THR A 253 22.58 7.45 28.12
N VAL A 254 22.65 8.76 27.86
CA VAL A 254 23.20 9.71 28.82
C VAL A 254 22.25 10.90 28.98
N SER A 255 22.23 11.47 30.19
CA SER A 255 21.22 12.47 30.53
C SER A 255 21.78 13.79 31.02
N SER A 256 20.93 14.81 31.00
CA SER A 256 21.25 16.13 31.51
C SER A 256 21.09 16.24 33.02
N SER A 257 21.48 17.39 33.57
CA SER A 257 21.10 17.77 34.92
C SER A 257 19.72 18.41 34.88
N GLU A 258 18.94 18.21 35.94
CA GLU A 258 17.60 18.80 36.08
C GLU A 258 17.67 20.32 36.18
N VAL A 259 16.88 21.00 35.34
CA VAL A 259 16.76 22.46 35.35
C VAL A 259 15.29 22.86 35.36
N ASN A 260 14.93 23.81 36.22
CA ASN A 260 13.54 24.28 36.35
C ASN A 260 12.85 24.58 35.03
N VAL A 261 11.53 24.39 34.99
CA VAL A 261 10.70 24.59 33.78
C VAL A 261 10.76 26.01 33.21
N CYS A 262 11.04 27.00 34.06
CA CYS A 262 11.27 28.38 33.61
C CYS A 262 12.34 28.38 32.51
N SER A 263 12.14 29.21 31.48
CA SER A 263 13.06 29.28 30.31
C SER A 263 12.35 28.88 29.00
N GLU A 264 12.98 28.95 27.81
CA GLU A 264 14.32 29.51 27.48
C GLU A 264 15.55 28.81 28.10
N PRO A 265 15.55 27.47 28.18
CA PRO A 265 16.56 26.75 29.00
C PRO A 265 18.01 26.95 28.59
N VAL A 266 18.91 26.83 29.56
CA VAL A 266 20.35 26.94 29.36
C VAL A 266 21.02 25.76 30.08
N TRP A 267 21.77 24.93 29.36
CA TRP A 267 22.46 23.79 29.98
C TRP A 267 23.98 23.96 30.13
N LYS A 268 24.66 24.31 29.04
CA LYS A 268 26.11 24.48 29.03
C LYS A 268 26.84 23.21 29.46
N GLN A 269 26.15 22.07 29.38
CA GLN A 269 26.71 20.80 29.86
C GLN A 269 27.21 19.92 28.73
N ARG A 270 28.39 19.35 28.95
CA ARG A 270 28.96 18.39 28.02
C ARG A 270 28.42 17.01 28.34
N LEU A 271 27.88 16.34 27.32
CA LEU A 271 27.42 14.97 27.45
C LEU A 271 28.37 14.06 26.68
N GLU A 272 29.00 13.13 27.40
CA GLU A 272 29.96 12.22 26.77
C GLU A 272 29.44 10.78 26.75
N PHE A 273 29.65 10.09 25.63
CA PHE A 273 29.15 8.71 25.44
C PHE A 273 30.23 7.64 25.59
N ASP A 274 29.80 6.49 26.13
CA ASP A 274 30.65 5.33 26.30
C ASP A 274 30.82 4.60 24.96
N ILE A 275 31.44 5.29 24.01
CA ILE A 275 31.79 4.73 22.70
C ILE A 275 32.88 5.60 22.04
N SER A 276 33.88 4.94 21.47
CA SER A 276 34.95 5.61 20.74
C SER A 276 34.47 6.18 19.43
N VAL A 277 34.92 7.41 19.13
CA VAL A 277 34.53 8.14 17.92
C VAL A 277 34.79 7.34 16.63
N CYS A 278 35.88 6.56 16.62
CA CYS A 278 36.21 5.72 15.46
C CYS A 278 35.30 4.51 15.32
N ASP A 279 34.49 4.25 16.34
CA ASP A 279 33.57 3.13 16.33
C ASP A 279 32.16 3.45 15.83
N LEU A 280 31.87 4.73 15.59
CA LEU A 280 30.56 5.16 15.06
C LEU A 280 30.31 4.60 13.65
N PRO A 281 29.27 3.75 13.48
CA PRO A 281 29.06 3.30 12.11
C PRO A 281 28.44 4.39 11.22
N ARG A 282 28.49 4.16 9.91
CA ARG A 282 28.06 5.13 8.89
C ARG A 282 26.66 5.69 9.17
N MET A 283 25.78 4.81 9.61
CA MET A 283 24.38 5.12 9.82
C MET A 283 24.07 5.51 11.26
N ALA A 284 25.10 5.88 12.02
CA ALA A 284 24.89 6.37 13.38
C ALA A 284 23.85 7.48 13.41
N ARG A 285 22.89 7.30 14.31
CA ARG A 285 21.76 8.22 14.52
C ARG A 285 21.76 8.69 15.99
N LEU A 286 21.91 10.00 16.20
CA LEU A 286 21.89 10.58 17.55
C LEU A 286 20.49 11.07 17.89
N CYS A 287 19.95 10.54 18.98
CA CYS A 287 18.56 10.81 19.34
C CYS A 287 18.40 11.59 20.64
N PHE A 288 17.55 12.60 20.62
CA PHE A 288 17.27 13.41 21.79
C PHE A 288 15.82 13.29 22.24
N ALA A 289 15.61 13.33 23.55
CA ALA A 289 14.29 13.67 24.11
C ALA A 289 14.40 14.76 25.17
N LEU A 290 13.46 15.70 25.12
CA LEU A 290 13.30 16.71 26.16
C LEU A 290 11.99 16.48 26.89
N TYR A 291 12.04 16.45 28.22
CA TYR A 291 10.86 16.15 29.03
C TYR A 291 10.88 16.84 30.39
N ALA A 292 9.74 16.81 31.09
CA ALA A 292 9.63 17.40 32.41
C ALA A 292 9.51 16.34 33.51
N VAL A 293 9.99 16.68 34.71
CA VAL A 293 10.00 15.71 35.80
C VAL A 293 9.81 16.38 37.17
N VAL A 294 9.17 15.64 38.08
CA VAL A 294 8.88 16.13 39.43
C VAL A 294 10.14 16.11 40.30
N ASP A 311 6.77 11.71 34.87
CA ASP A 311 7.50 11.99 33.64
C ASP A 311 6.55 12.53 32.58
N CYS A 312 6.85 13.75 32.11
CA CYS A 312 5.94 14.50 31.26
C CYS A 312 6.65 14.87 29.96
N PRO A 313 6.51 14.02 28.93
CA PRO A 313 7.19 14.22 27.66
C PRO A 313 6.73 15.48 26.96
N ILE A 314 7.66 16.11 26.24
CA ILE A 314 7.40 17.39 25.61
C ILE A 314 7.75 17.32 24.11
N ALA A 315 8.97 16.88 23.80
CA ALA A 315 9.45 16.90 22.42
C ALA A 315 10.63 15.96 22.20
N TRP A 316 10.94 15.66 20.94
CA TRP A 316 12.07 14.80 20.55
C TRP A 316 12.68 15.31 19.24
N ALA A 317 13.90 14.85 18.94
CA ALA A 317 14.60 15.26 17.71
C ALA A 317 15.76 14.33 17.44
N ASN A 318 15.88 13.91 16.18
CA ASN A 318 16.95 12.99 15.77
C ASN A 318 17.78 13.56 14.63
N LEU A 319 19.09 13.26 14.61
CA LEU A 319 19.92 13.52 13.44
C LEU A 319 20.97 12.42 13.20
N MET A 320 21.32 12.27 11.93
CA MET A 320 22.47 11.47 11.54
C MET A 320 23.73 12.20 11.97
N LEU A 321 24.72 11.46 12.44
CA LEU A 321 26.03 12.05 12.81
C LEU A 321 26.86 12.31 11.58
N PHE A 322 26.68 11.48 10.55
CA PHE A 322 27.24 11.75 9.25
C PHE A 322 26.15 12.33 8.37
N ASP A 323 26.54 13.27 7.50
CA ASP A 323 25.64 13.82 6.52
C ASP A 323 25.69 13.02 5.21
N TYR A 324 24.86 13.42 4.25
CA TYR A 324 24.69 12.69 3.00
C TYR A 324 25.96 12.58 2.15
N LYS A 325 27.01 13.27 2.57
CA LYS A 325 28.29 13.27 1.85
C LYS A 325 29.40 12.57 2.65
N ASP A 326 28.98 11.71 3.57
CA ASP A 326 29.88 10.83 4.32
C ASP A 326 30.75 11.59 5.33
N GLN A 327 30.46 12.87 5.54
CA GLN A 327 31.24 13.67 6.47
C GLN A 327 30.65 13.67 7.88
N LEU A 328 31.51 13.44 8.88
CA LEU A 328 31.15 13.57 10.29
C LEU A 328 30.76 15.01 10.59
N LYS A 329 29.59 15.20 11.17
CA LYS A 329 29.03 16.54 11.40
C LYS A 329 29.73 17.31 12.52
N THR A 330 29.99 18.58 12.24
CA THR A 330 30.43 19.59 13.21
C THR A 330 29.96 20.94 12.66
N GLY A 331 29.87 22.02 13.44
CA GLY A 331 30.05 22.05 14.91
C GLY A 331 28.70 22.26 15.57
N GLU A 332 28.12 23.45 15.39
CA GLU A 332 26.83 23.77 16.04
C GLU A 332 25.56 23.44 15.23
N ARG A 333 24.50 23.07 15.94
CA ARG A 333 23.22 22.70 15.34
C ARG A 333 22.02 23.15 16.17
N CYS A 334 21.05 23.77 15.52
CA CYS A 334 19.78 24.07 16.16
C CYS A 334 18.74 23.01 15.75
N LEU A 335 18.16 22.33 16.72
CA LEU A 335 17.27 21.22 16.43
C LEU A 335 15.80 21.57 16.68
N TYR A 336 15.04 21.77 15.61
CA TYR A 336 13.62 22.05 15.73
C TYR A 336 12.83 20.78 16.07
N MET A 337 12.32 20.74 17.30
CA MET A 337 11.85 19.50 17.92
C MET A 337 10.39 19.21 17.61
N TRP A 338 10.09 17.92 17.52
CA TRP A 338 8.74 17.41 17.25
C TRP A 338 7.99 17.19 18.56
N PRO A 339 6.73 17.70 18.66
CA PRO A 339 5.93 17.55 19.88
C PRO A 339 5.61 16.08 20.17
N SER A 340 5.62 15.70 21.45
CA SER A 340 5.70 14.29 21.84
C SER A 340 4.44 13.43 21.77
N VAL A 341 4.62 12.11 21.89
CA VAL A 341 3.55 11.11 21.78
C VAL A 341 2.43 11.27 22.80
N LEU A 348 10.26 7.59 25.55
CA LEU A 348 10.78 8.95 25.48
C LEU A 348 11.66 9.15 24.23
N LEU A 349 12.60 8.24 24.02
CA LEU A 349 13.51 8.27 22.87
C LEU A 349 12.89 7.65 21.63
N ASN A 350 13.08 8.28 20.47
CA ASN A 350 12.39 7.88 19.24
C ASN A 350 13.32 7.52 18.08
N PRO A 351 14.01 6.36 18.17
CA PRO A 351 14.99 6.03 17.14
C PRO A 351 14.39 6.04 15.72
N ALA A 352 13.21 5.47 15.57
CA ALA A 352 12.56 5.37 14.26
C ALA A 352 12.08 6.71 13.68
N GLY A 353 11.94 7.74 14.52
CA GLY A 353 11.45 9.05 14.05
C GLY A 353 12.39 9.68 13.04
N THR A 354 11.84 10.53 12.16
CA THR A 354 12.62 11.20 11.08
C THR A 354 13.89 11.89 11.57
N VAL A 355 14.86 12.05 10.67
CA VAL A 355 16.13 12.69 11.01
C VAL A 355 16.19 14.13 10.57
N ARG A 356 15.05 14.68 10.17
CA ARG A 356 15.00 16.08 9.77
C ARG A 356 14.18 16.83 10.80
N GLY A 357 14.50 18.11 10.98
CA GLY A 357 13.84 18.93 11.99
C GLY A 357 12.43 19.36 11.62
N ASN A 358 11.67 19.74 12.64
CA ASN A 358 10.31 20.25 12.47
C ASN A 358 10.34 21.53 11.63
N PRO A 359 9.54 21.58 10.54
CA PRO A 359 9.44 22.73 9.63
C PRO A 359 8.73 23.94 10.23
N ASN A 360 7.91 23.72 11.25
CA ASN A 360 7.26 24.82 11.91
C ASN A 360 8.24 25.45 12.92
N THR A 361 9.21 26.18 12.38
CA THR A 361 10.28 26.80 13.19
C THR A 361 9.79 27.98 14.03
N GLU A 362 8.67 28.57 13.63
CA GLU A 362 7.99 29.62 14.41
C GLU A 362 7.62 29.12 15.81
N SER A 363 6.97 27.96 15.87
CA SER A 363 6.34 27.47 17.09
C SER A 363 7.10 26.30 17.76
N ALA A 364 7.88 25.55 16.97
CA ALA A 364 8.62 24.40 17.51
C ALA A 364 9.65 24.77 18.58
N ALA A 365 9.76 23.90 19.57
CA ALA A 365 10.87 23.92 20.50
C ALA A 365 12.16 23.65 19.72
N ALA A 366 13.25 24.28 20.15
CA ALA A 366 14.53 24.16 19.45
C ALA A 366 15.71 23.95 20.42
N LEU A 367 16.46 22.87 20.22
CA LEU A 367 17.61 22.57 21.05
C LEU A 367 18.89 22.84 20.30
N VAL A 368 19.75 23.70 20.85
CA VAL A 368 21.06 23.92 20.26
C VAL A 368 22.13 23.05 20.92
N ILE A 369 22.84 22.32 20.07
CA ILE A 369 23.90 21.44 20.53
C ILE A 369 25.17 21.77 19.76
N TYR A 370 26.29 21.26 20.27
CA TYR A 370 27.57 21.42 19.60
C TYR A 370 28.24 20.06 19.35
N LEU A 371 28.45 19.75 18.07
CA LEU A 371 29.28 18.63 17.65
C LEU A 371 30.76 19.09 17.60
N PRO A 372 31.67 18.34 18.24
CA PRO A 372 33.04 18.83 18.36
C PRO A 372 33.88 18.55 17.11
N GLU A 373 34.72 19.50 16.73
CA GLU A 373 35.54 19.37 15.52
C GLU A 373 36.71 18.43 15.75
N VAL A 374 36.42 17.13 15.66
CA VAL A 374 37.34 16.04 16.01
C VAL A 374 38.73 16.11 15.38
N ALA A 375 38.93 17.07 14.47
CA ALA A 375 40.20 17.23 13.76
C ALA A 375 40.36 18.67 13.27
N PRO A 378 38.11 18.12 8.17
CA PRO A 378 37.16 17.18 7.59
C PRO A 378 37.55 15.73 7.84
N VAL A 379 36.58 14.94 8.30
CA VAL A 379 36.73 13.50 8.44
C VAL A 379 35.55 12.78 7.80
N TYR A 380 35.84 12.11 6.69
CA TYR A 380 34.84 11.37 5.95
C TYR A 380 34.81 9.91 6.36
N PHE A 381 33.68 9.24 6.17
CA PHE A 381 33.64 7.81 6.42
C PHE A 381 34.51 7.12 5.38
N PRO A 382 35.35 6.17 5.81
CA PRO A 382 36.27 5.50 4.89
C PRO A 382 35.56 4.76 3.75
N ALA A 383 36.22 4.70 2.60
CA ALA A 383 35.63 4.08 1.41
C ALA A 383 35.57 2.56 1.52
N LEU A 384 34.78 1.96 0.62
CA LEU A 384 34.60 0.52 0.58
C LEU A 384 35.89 -0.25 0.41
N GLU A 385 36.77 0.24 -0.47
CA GLU A 385 38.04 -0.42 -0.75
C GLU A 385 38.91 -0.48 0.50
N LYS A 386 38.73 0.50 1.38
CA LYS A 386 39.40 0.53 2.67
C LYS A 386 38.63 -0.33 3.67
N ILE A 387 37.30 -0.36 3.55
CA ILE A 387 36.48 -1.25 4.36
C ILE A 387 36.84 -2.69 3.98
N LEU A 388 36.78 -3.00 2.69
CA LEU A 388 37.11 -4.33 2.16
C LEU A 388 38.50 -4.75 2.55
N GLU A 389 39.45 -3.81 2.46
CA GLU A 389 40.81 -4.00 2.94
C GLU A 389 40.79 -4.58 4.35
N LEU A 390 40.09 -3.91 5.27
CA LEU A 390 40.11 -4.27 6.68
C LEU A 390 39.44 -5.62 6.97
N LEU A 407 24.80 -28.40 15.91
CA LEU A 407 24.96 -27.50 17.05
C LEU A 407 24.53 -26.06 16.71
N ARG A 408 24.75 -25.69 15.46
CA ARG A 408 24.46 -24.36 14.94
C ARG A 408 23.11 -24.27 14.27
N GLU A 409 22.78 -25.31 13.51
CA GLU A 409 21.55 -25.37 12.75
C GLU A 409 20.31 -25.29 13.63
N ILE A 410 20.39 -25.91 14.81
CA ILE A 410 19.24 -26.02 15.74
C ILE A 410 18.53 -24.69 16.02
N LEU A 411 19.30 -23.70 16.45
CA LEU A 411 18.75 -22.38 16.78
C LEU A 411 18.35 -21.63 15.52
N GLU A 412 18.90 -22.05 14.38
CA GLU A 412 18.77 -21.32 13.14
C GLU A 412 17.53 -21.70 12.32
N ARG A 413 16.35 -21.53 12.92
CA ARG A 413 15.05 -21.68 12.25
C ARG A 413 13.87 -21.28 13.14
N GLU A 418 14.97 -14.76 18.44
CA GLU A 418 15.43 -14.36 19.77
C GLU A 418 16.36 -15.41 20.37
N LEU A 419 17.56 -14.98 20.76
CA LEU A 419 18.62 -15.92 21.13
C LEU A 419 19.50 -15.44 22.29
N TYR A 420 20.00 -16.39 23.07
CA TYR A 420 20.87 -16.10 24.22
C TYR A 420 22.25 -15.64 23.79
N GLU A 421 23.02 -15.08 24.73
CA GLU A 421 24.30 -14.47 24.40
C GLU A 421 25.29 -15.47 23.79
N HIS A 422 25.52 -16.59 24.47
CA HIS A 422 26.42 -17.62 23.94
C HIS A 422 26.00 -18.05 22.54
N GLU A 423 24.69 -18.30 22.36
CA GLU A 423 24.16 -18.60 21.04
C GLU A 423 24.58 -17.55 20.01
N LYS A 424 24.49 -16.27 20.39
CA LYS A 424 24.91 -15.17 19.52
C LYS A 424 26.37 -15.36 19.13
N ASP A 425 27.20 -15.64 20.13
CA ASP A 425 28.64 -15.80 19.94
C ASP A 425 28.96 -16.84 18.86
N LEU A 426 28.19 -17.94 18.84
CA LEU A 426 28.42 -19.02 17.89
C LEU A 426 28.09 -18.58 16.45
N VAL A 427 26.96 -17.90 16.28
CA VAL A 427 26.56 -17.40 14.95
C VAL A 427 27.68 -16.53 14.37
N TRP A 428 28.22 -15.64 15.21
CA TRP A 428 29.28 -14.73 14.77
C TRP A 428 30.53 -15.52 14.41
N LYS A 429 31.00 -16.35 15.35
CA LYS A 429 32.10 -17.29 15.13
C LYS A 429 32.01 -17.97 13.77
N MET A 430 30.81 -18.39 13.42
CA MET A 430 30.59 -19.18 12.22
C MET A 430 30.01 -18.39 11.05
N ARG A 431 30.32 -17.09 11.01
CA ARG A 431 29.77 -16.19 9.98
C ARG A 431 30.06 -16.66 8.55
N HIS A 432 31.27 -17.17 8.31
CA HIS A 432 31.64 -17.70 7.00
C HIS A 432 30.75 -18.88 6.64
N GLU A 433 30.48 -19.72 7.62
CA GLU A 433 29.68 -20.91 7.44
C GLU A 433 28.24 -20.50 7.12
N VAL A 434 27.83 -19.38 7.71
CA VAL A 434 26.53 -18.76 7.41
C VAL A 434 26.50 -18.35 5.93
N GLN A 435 27.49 -17.60 5.46
CA GLN A 435 27.55 -17.20 4.07
C GLN A 435 27.53 -18.38 3.11
N GLU A 436 28.38 -19.38 3.38
CA GLU A 436 28.54 -20.49 2.48
C GLU A 436 27.40 -21.49 2.50
N HIS A 437 26.85 -21.77 3.69
CA HIS A 437 25.90 -22.88 3.83
C HIS A 437 24.49 -22.48 4.27
N PHE A 438 24.34 -21.26 4.77
CA PHE A 438 23.01 -20.78 5.19
C PHE A 438 22.74 -19.34 4.75
N PRO A 439 23.00 -19.02 3.46
CA PRO A 439 22.95 -17.63 3.00
C PRO A 439 21.65 -16.88 3.32
N GLU A 440 20.55 -17.62 3.48
CA GLU A 440 19.24 -17.00 3.70
C GLU A 440 19.03 -16.59 5.16
N ALA A 441 20.04 -16.87 5.99
CA ALA A 441 20.01 -16.48 7.40
C ALA A 441 20.86 -15.20 7.64
N LEU A 442 21.06 -14.44 6.57
CA LEU A 442 21.79 -13.17 6.60
C LEU A 442 21.32 -12.20 7.69
N ALA A 443 20.01 -12.03 7.78
CA ALA A 443 19.40 -11.08 8.72
C ALA A 443 19.78 -11.40 10.17
N ARG A 444 19.80 -12.69 10.51
CA ARG A 444 20.11 -13.14 11.87
C ARG A 444 21.57 -12.85 12.25
N LEU A 445 22.46 -13.01 11.27
CA LEU A 445 23.87 -12.69 11.44
C LEU A 445 24.02 -11.17 11.61
N LEU A 446 23.28 -10.41 10.82
CA LEU A 446 23.27 -8.94 10.94
C LEU A 446 22.82 -8.48 12.31
N LEU A 447 21.83 -9.18 12.86
CA LEU A 447 21.34 -8.87 14.20
C LEU A 447 22.28 -9.28 15.34
N VAL A 448 23.33 -10.08 15.05
CA VAL A 448 24.32 -10.40 16.09
C VAL A 448 25.61 -9.57 16.03
N THR A 449 25.91 -8.97 14.88
CA THR A 449 27.17 -8.22 14.76
C THR A 449 27.15 -7.01 15.68
N LYS A 450 28.30 -6.70 16.25
CA LYS A 450 28.45 -5.55 17.11
C LYS A 450 28.63 -4.30 16.25
N TRP A 451 27.53 -3.65 15.95
CA TRP A 451 27.56 -2.47 15.10
C TRP A 451 28.28 -1.29 15.74
N ASN A 452 28.66 -1.45 17.01
CA ASN A 452 29.37 -0.43 17.77
C ASN A 452 30.88 -0.70 17.86
N LYS A 453 31.36 -1.60 17.00
CA LYS A 453 32.79 -1.81 16.80
C LYS A 453 33.08 -1.88 15.31
N HIS A 454 33.98 -1.02 14.86
CA HIS A 454 34.23 -0.83 13.43
C HIS A 454 34.95 -2.00 12.78
N GLU A 455 35.80 -2.67 13.55
CA GLU A 455 36.50 -3.85 13.05
C GLU A 455 35.50 -4.97 12.74
N ASP A 456 34.52 -5.15 13.63
CA ASP A 456 33.42 -6.11 13.43
C ASP A 456 32.47 -5.75 12.28
N VAL A 457 32.10 -4.47 12.15
CA VAL A 457 31.27 -4.03 11.02
C VAL A 457 32.00 -4.32 9.70
N ALA A 458 33.30 -4.05 9.68
CA ALA A 458 34.17 -4.43 8.57
C ALA A 458 34.17 -5.93 8.27
N GLN A 459 34.21 -6.76 9.31
CA GLN A 459 34.11 -8.21 9.11
C GLN A 459 32.75 -8.56 8.50
N MET A 460 31.69 -7.97 9.01
CA MET A 460 30.33 -8.25 8.51
C MET A 460 30.16 -7.84 7.06
N LEU A 461 30.41 -6.56 6.79
CA LEU A 461 30.41 -6.01 5.45
C LEU A 461 31.25 -6.80 4.43
N TYR A 462 32.48 -7.20 4.79
CA TYR A 462 33.31 -8.00 3.86
C TYR A 462 32.56 -9.24 3.31
N LEU A 463 31.85 -9.92 4.19
CA LEU A 463 31.01 -11.05 3.78
C LEU A 463 29.79 -10.63 2.97
N LEU A 464 29.24 -9.46 3.28
CA LEU A 464 28.03 -8.98 2.61
C LEU A 464 28.26 -8.67 1.13
N CYS A 465 29.46 -8.20 0.81
CA CYS A 465 29.84 -7.86 -0.56
C CYS A 465 30.03 -9.09 -1.46
N SER A 466 30.28 -10.25 -0.87
CA SER A 466 30.32 -11.50 -1.64
C SER A 466 29.04 -12.34 -1.50
N TRP A 467 28.05 -11.80 -0.77
CA TRP A 467 26.88 -12.57 -0.38
C TRP A 467 25.99 -12.84 -1.60
N PRO A 468 25.50 -14.08 -1.74
CA PRO A 468 24.60 -14.32 -2.87
C PRO A 468 23.29 -13.56 -2.72
N GLU A 469 22.69 -13.20 -3.86
CA GLU A 469 21.35 -12.64 -3.89
C GLU A 469 20.35 -13.56 -3.19
N LEU A 470 19.36 -12.96 -2.52
CA LEU A 470 18.37 -13.72 -1.74
C LEU A 470 16.97 -13.64 -2.36
N PRO A 471 16.09 -14.62 -2.05
CA PRO A 471 14.70 -14.53 -2.51
C PRO A 471 14.02 -13.25 -2.03
N VAL A 472 13.00 -12.86 -2.78
CA VAL A 472 12.23 -11.67 -2.55
C VAL A 472 11.77 -11.57 -1.09
N LEU A 473 11.20 -12.68 -0.59
CA LEU A 473 10.74 -12.76 0.80
C LEU A 473 11.84 -12.31 1.81
N SER A 474 13.07 -12.74 1.57
CA SER A 474 14.20 -12.39 2.45
C SER A 474 14.57 -10.93 2.33
N ALA A 475 14.58 -10.41 1.10
CA ALA A 475 14.85 -9.00 0.83
C ALA A 475 13.88 -8.05 1.54
N LEU A 476 12.62 -8.47 1.68
CA LEU A 476 11.60 -7.66 2.34
C LEU A 476 11.84 -7.55 3.85
N GLU A 477 12.33 -8.64 4.43
CA GLU A 477 12.73 -8.64 5.83
C GLU A 477 13.90 -7.67 6.05
N LEU A 478 14.80 -7.61 5.07
CA LEU A 478 15.97 -6.77 5.20
C LEU A 478 15.69 -5.27 5.08
N LEU A 479 14.43 -4.89 4.77
CA LEU A 479 14.08 -3.45 4.70
C LEU A 479 13.57 -2.91 6.01
N ASP A 480 13.34 -3.83 6.95
CA ASP A 480 12.94 -3.47 8.30
C ASP A 480 13.90 -2.44 8.86
N PHE A 481 13.37 -1.50 9.66
CA PHE A 481 14.18 -0.51 10.35
C PHE A 481 15.38 -1.11 11.11
N SER A 482 15.28 -2.38 11.51
CA SER A 482 16.39 -3.13 12.15
C SER A 482 17.68 -3.17 11.32
N PHE A 483 17.61 -2.79 10.05
CA PHE A 483 18.74 -2.92 9.13
C PHE A 483 19.04 -1.66 8.34
N PRO A 484 19.60 -0.63 9.00
CA PRO A 484 19.75 0.70 8.41
C PRO A 484 20.99 0.91 7.54
N ASP A 485 22.00 0.03 7.65
CA ASP A 485 23.24 0.15 6.88
C ASP A 485 22.92 0.16 5.39
N CYS A 486 23.41 1.16 4.65
CA CYS A 486 22.97 1.29 3.26
C CYS A 486 23.66 0.29 2.33
N TYR A 487 24.69 -0.37 2.82
CA TYR A 487 25.25 -1.53 2.11
C TYR A 487 24.27 -2.70 2.21
N VAL A 488 23.64 -2.85 3.36
CA VAL A 488 22.57 -3.84 3.55
C VAL A 488 21.38 -3.42 2.70
N GLY A 489 21.05 -2.13 2.74
CA GLY A 489 19.94 -1.56 1.97
C GLY A 489 20.16 -1.67 0.47
N SER A 490 21.40 -1.41 0.05
CA SER A 490 21.83 -1.69 -1.31
C SER A 490 21.60 -3.16 -1.60
N PHE A 491 22.16 -4.02 -0.73
CA PHE A 491 22.00 -5.45 -0.91
C PHE A 491 20.52 -5.83 -1.04
N ALA A 492 19.67 -5.28 -0.17
CA ALA A 492 18.24 -5.59 -0.18
C ALA A 492 17.57 -5.16 -1.48
N ILE A 493 17.87 -3.95 -1.93
CA ILE A 493 17.32 -3.47 -3.22
C ILE A 493 17.75 -4.42 -4.34
N LYS A 494 19.04 -4.73 -4.36
CA LYS A 494 19.63 -5.64 -5.33
C LYS A 494 18.88 -6.95 -5.42
N SER A 495 18.55 -7.55 -4.28
CA SER A 495 17.78 -8.80 -4.30
C SER A 495 16.31 -8.55 -4.67
N LEU A 496 15.86 -7.32 -4.46
CA LEU A 496 14.49 -6.92 -4.75
C LEU A 496 14.22 -6.62 -6.21
N ARG A 497 15.25 -6.42 -6.99
CA ARG A 497 15.05 -6.06 -8.38
C ARG A 497 14.32 -7.13 -9.18
N LYS A 498 14.39 -8.40 -8.76
CA LYS A 498 13.68 -9.45 -9.48
C LYS A 498 12.16 -9.46 -9.25
N LEU A 499 11.65 -8.51 -8.44
CA LEU A 499 10.19 -8.39 -8.30
C LEU A 499 9.57 -8.22 -9.67
N THR A 500 8.52 -8.99 -9.93
CA THR A 500 7.69 -8.81 -11.10
C THR A 500 6.93 -7.52 -10.83
N ASP A 501 6.34 -6.91 -11.86
CA ASP A 501 5.55 -5.70 -11.63
C ASP A 501 4.34 -5.93 -10.71
N ASP A 502 3.63 -7.03 -10.94
CA ASP A 502 2.51 -7.47 -10.12
C ASP A 502 2.90 -7.61 -8.63
N GLU A 503 4.04 -8.26 -8.35
CA GLU A 503 4.53 -8.32 -6.98
C GLU A 503 4.89 -6.94 -6.43
N LEU A 504 5.58 -6.14 -7.24
CA LEU A 504 5.92 -4.78 -6.84
C LEU A 504 4.64 -4.04 -6.47
N PHE A 505 3.65 -4.10 -7.36
CA PHE A 505 2.37 -3.48 -7.08
C PHE A 505 1.78 -3.94 -5.74
N GLN A 506 1.79 -5.26 -5.52
CA GLN A 506 1.26 -5.90 -4.31
C GLN A 506 1.89 -5.38 -3.00
N TYR A 507 3.19 -5.10 -3.03
CA TYR A 507 3.92 -4.67 -1.83
C TYR A 507 4.17 -3.17 -1.82
N LEU A 508 3.66 -2.46 -2.83
CA LEU A 508 3.97 -1.01 -3.04
C LEU A 508 3.66 -0.14 -1.81
N LEU A 509 2.49 -0.34 -1.23
CA LEU A 509 2.12 0.39 -0.06
C LEU A 509 3.22 0.32 1.00
N GLN A 510 3.77 -0.88 1.22
CA GLN A 510 4.77 -1.09 2.28
C GLN A 510 6.11 -0.47 1.91
N LEU A 511 6.52 -0.62 0.66
CA LEU A 511 7.75 -0.01 0.24
C LEU A 511 7.69 1.52 0.39
N VAL A 512 6.55 2.13 0.08
CA VAL A 512 6.41 3.57 0.26
C VAL A 512 6.62 3.95 1.73
N GLN A 513 6.02 3.17 2.62
CA GLN A 513 6.17 3.40 4.05
C GLN A 513 7.65 3.39 4.52
N VAL A 514 8.43 2.47 3.97
CA VAL A 514 9.88 2.35 4.29
C VAL A 514 10.67 3.60 3.93
N LEU A 515 10.16 4.39 3.00
CA LEU A 515 10.79 5.66 2.63
C LEU A 515 10.86 6.61 3.83
N LYS A 516 9.86 6.52 4.71
CA LYS A 516 9.83 7.29 5.95
C LYS A 516 10.98 6.90 6.88
N TYR A 517 11.57 5.72 6.68
CA TYR A 517 12.69 5.24 7.51
C TYR A 517 14.04 5.78 7.04
N GLU A 518 14.07 6.25 5.79
CA GLU A 518 15.32 6.58 5.10
C GLU A 518 16.13 7.66 5.82
N SER A 519 17.44 7.46 5.87
CA SER A 519 18.32 8.35 6.61
C SER A 519 18.67 9.61 5.81
N TYR A 520 18.56 9.51 4.49
CA TYR A 520 18.93 10.59 3.58
C TYR A 520 17.93 10.65 2.43
N LEU A 521 17.84 11.81 1.78
CA LEU A 521 16.90 12.01 0.68
C LEU A 521 17.21 11.10 -0.50
N ASP A 522 18.45 11.15 -1.00
CA ASP A 522 18.87 10.34 -2.12
C ASP A 522 19.25 8.94 -1.61
N CYS A 523 18.50 7.94 -2.04
CA CYS A 523 18.69 6.56 -1.56
C CYS A 523 18.21 5.53 -2.60
N GLU A 524 18.84 4.34 -2.57
CA GLU A 524 18.56 3.28 -3.53
C GLU A 524 17.09 2.99 -3.74
N LEU A 525 16.35 2.84 -2.66
CA LEU A 525 14.94 2.55 -2.73
C LEU A 525 14.18 3.60 -3.57
N THR A 526 14.47 4.88 -3.33
CA THR A 526 13.82 5.96 -4.07
C THR A 526 14.10 5.84 -5.55
N LYS A 527 15.37 5.66 -5.88
CA LYS A 527 15.77 5.46 -7.26
C LYS A 527 15.07 4.25 -7.91
N PHE A 528 15.05 3.14 -7.17
CA PHE A 528 14.35 1.92 -7.60
C PHE A 528 12.85 2.18 -7.88
N LEU A 529 12.13 2.70 -6.88
CA LEU A 529 10.71 3.02 -7.01
C LEU A 529 10.42 3.93 -8.21
N LEU A 530 11.21 4.98 -8.36
CA LEU A 530 11.07 5.93 -9.48
C LEU A 530 11.28 5.26 -10.85
N GLY A 531 12.39 4.53 -10.98
CA GLY A 531 12.66 3.69 -12.18
C GLY A 531 11.53 2.71 -12.55
N ARG A 532 10.98 2.02 -11.57
CA ARG A 532 9.90 1.07 -11.85
C ARG A 532 8.60 1.81 -12.19
N ALA A 533 8.34 2.89 -11.47
CA ALA A 533 7.23 3.79 -11.78
C ALA A 533 7.32 4.37 -13.21
N LEU A 534 8.53 4.71 -13.62
CA LEU A 534 8.69 5.33 -14.92
C LEU A 534 8.54 4.29 -16.03
N ALA A 535 8.78 3.03 -15.68
CA ALA A 535 8.67 1.91 -16.63
C ALA A 535 7.27 1.29 -16.68
N ASN A 536 6.43 1.58 -15.69
CA ASN A 536 5.10 1.02 -15.63
C ASN A 536 4.11 2.11 -15.17
N ARG A 537 3.20 2.55 -16.06
CA ARG A 537 2.27 3.65 -15.76
C ARG A 537 1.35 3.36 -14.57
N LYS A 538 0.95 2.10 -14.45
CA LYS A 538 0.17 1.65 -13.31
C LYS A 538 0.96 1.81 -12.02
N ILE A 539 2.21 1.37 -11.99
CA ILE A 539 3.05 1.58 -10.82
C ILE A 539 3.15 3.08 -10.54
N GLY A 540 3.44 3.86 -11.59
CA GLY A 540 3.58 5.33 -11.51
C GLY A 540 2.34 5.96 -10.94
N HIS A 541 1.19 5.48 -11.36
CA HIS A 541 -0.09 5.98 -10.86
C HIS A 541 -0.24 5.85 -9.34
N PHE A 542 -0.13 4.63 -8.83
CA PHE A 542 -0.25 4.38 -7.39
C PHE A 542 0.89 4.97 -6.55
N LEU A 543 2.11 4.99 -7.07
CA LEU A 543 3.19 5.64 -6.32
C LEU A 543 2.85 7.11 -6.12
N PHE A 544 2.35 7.74 -7.19
CA PHE A 544 1.97 9.12 -7.11
C PHE A 544 0.98 9.32 -5.97
N TRP A 545 -0.12 8.57 -5.99
CA TRP A 545 -1.19 8.73 -4.99
C TRP A 545 -0.84 8.36 -3.54
N HIS A 546 -0.05 7.31 -3.37
CA HIS A 546 0.49 6.99 -2.04
C HIS A 546 1.26 8.18 -1.47
N LEU A 547 2.06 8.83 -2.31
CA LEU A 547 2.79 10.03 -1.85
C LEU A 547 1.87 11.27 -1.66
N ARG A 548 0.99 11.53 -2.62
CA ARG A 548 0.11 12.70 -2.59
C ARG A 548 -0.74 12.72 -1.35
N SER A 549 -1.25 11.55 -0.99
CA SER A 549 -2.14 11.33 0.13
C SER A 549 -1.51 11.68 1.48
N GLU A 550 -0.18 11.84 1.52
CA GLU A 550 0.52 12.20 2.76
C GLU A 550 1.11 13.63 2.80
N MET A 551 0.82 14.48 1.80
CA MET A 551 1.48 15.80 1.73
C MET A 551 1.10 16.73 2.86
N HIS A 552 0.00 16.42 3.55
CA HIS A 552 -0.45 17.20 4.67
C HIS A 552 0.29 16.84 5.96
N VAL A 553 1.17 15.84 5.90
CA VAL A 553 1.92 15.37 7.06
C VAL A 553 3.34 15.96 7.02
N PRO A 554 3.65 16.94 7.89
CA PRO A 554 4.92 17.69 7.79
C PRO A 554 6.20 16.85 7.81
N SER A 555 6.22 15.74 8.53
CA SER A 555 7.44 14.92 8.60
C SER A 555 7.82 14.26 7.26
N VAL A 556 6.90 14.22 6.30
CA VAL A 556 7.16 13.54 5.04
C VAL A 556 6.95 14.40 3.79
N ALA A 557 6.37 15.59 3.97
CA ALA A 557 5.98 16.45 2.85
C ALA A 557 7.16 16.82 1.97
N LEU A 558 8.29 17.19 2.59
CA LEU A 558 9.48 17.50 1.80
C LEU A 558 9.89 16.30 0.93
N ARG A 559 10.18 15.17 1.56
CA ARG A 559 10.58 13.95 0.84
C ARG A 559 9.61 13.58 -0.28
N PHE A 560 8.35 13.35 0.09
CA PHE A 560 7.33 12.92 -0.88
C PHE A 560 7.13 13.93 -2.02
N GLY A 561 7.27 15.21 -1.70
CA GLY A 561 7.17 16.28 -2.67
C GLY A 561 8.26 16.22 -3.71
N LEU A 562 9.48 16.05 -3.23
CA LEU A 562 10.65 15.93 -4.12
C LEU A 562 10.53 14.73 -5.07
N ILE A 563 10.15 13.58 -4.53
CA ILE A 563 9.91 12.39 -5.34
C ILE A 563 8.83 12.62 -6.42
N MET A 564 7.68 13.16 -6.04
CA MET A 564 6.62 13.46 -7.02
C MET A 564 7.07 14.42 -8.13
N GLU A 565 7.84 15.44 -7.75
CA GLU A 565 8.43 16.36 -8.71
C GLU A 565 9.25 15.62 -9.77
N ALA A 566 10.20 14.82 -9.28
CA ALA A 566 11.07 14.03 -10.16
C ALA A 566 10.26 13.14 -11.11
N TYR A 567 9.28 12.42 -10.56
CA TYR A 567 8.36 11.64 -11.40
C TYR A 567 7.76 12.50 -12.54
N CYS A 568 7.17 13.64 -12.17
CA CYS A 568 6.58 14.54 -13.17
C CYS A 568 7.56 14.92 -14.30
N ARG A 569 8.83 15.10 -13.96
CA ARG A 569 9.87 15.39 -14.96
C ARG A 569 10.02 14.24 -15.94
N GLY A 570 9.80 13.04 -15.43
CA GLY A 570 9.87 11.82 -16.23
C GLY A 570 8.63 11.54 -17.07
N SER A 571 7.47 12.07 -16.68
CA SER A 571 6.26 12.02 -17.55
C SER A 571 5.34 13.22 -17.47
N THR A 572 5.59 14.15 -18.39
CA THR A 572 4.77 15.34 -18.59
C THR A 572 3.33 14.96 -18.89
N HIS A 573 3.13 13.99 -19.77
CA HIS A 573 1.77 13.55 -20.09
C HIS A 573 1.03 13.02 -18.86
N HIS A 574 1.63 12.10 -18.11
CA HIS A 574 0.90 11.49 -16.99
C HIS A 574 0.56 12.53 -15.91
N MET A 575 1.45 13.52 -15.74
CA MET A 575 1.22 14.67 -14.88
C MET A 575 -0.14 15.35 -15.15
N LYS A 576 -0.44 15.56 -16.44
CA LYS A 576 -1.73 16.17 -16.84
C LYS A 576 -2.94 15.26 -16.62
N VAL A 577 -2.75 13.96 -16.87
CA VAL A 577 -3.76 12.95 -16.54
C VAL A 577 -4.07 12.98 -15.04
N LEU A 578 -3.02 13.10 -14.23
CA LEU A 578 -3.18 13.17 -12.74
C LEU A 578 -3.78 14.50 -12.23
N MET A 579 -3.45 15.62 -12.87
CA MET A 579 -4.08 16.92 -12.60
C MET A 579 -5.59 16.86 -12.82
N LYS A 580 -6.00 16.27 -13.93
CA LYS A 580 -7.41 16.01 -14.17
C LYS A 580 -8.07 15.26 -12.98
N GLN A 581 -7.40 14.21 -12.47
CA GLN A 581 -7.89 13.51 -11.28
C GLN A 581 -7.93 14.40 -10.03
N GLY A 582 -6.89 15.21 -9.82
CA GLY A 582 -6.86 16.10 -8.66
C GLY A 582 -7.90 17.19 -8.80
N GLU A 583 -8.14 17.65 -10.03
CA GLU A 583 -9.24 18.63 -10.24
C GLU A 583 -10.58 18.00 -9.90
N ALA A 584 -10.79 16.73 -10.23
CA ALA A 584 -12.10 16.12 -9.93
C ALA A 584 -12.29 16.02 -8.43
N LEU A 585 -11.22 15.64 -7.74
CA LEU A 585 -11.21 15.47 -6.28
C LEU A 585 -11.37 16.79 -5.48
N SER A 586 -10.79 17.87 -6.00
CA SER A 586 -11.02 19.20 -5.40
C SER A 586 -12.52 19.53 -5.46
N LYS A 587 -13.16 19.26 -6.61
CA LYS A 587 -14.60 19.52 -6.77
C LYS A 587 -15.50 18.65 -5.90
N LEU A 588 -15.10 17.40 -5.70
CA LEU A 588 -15.85 16.45 -4.86
C LEU A 588 -15.81 16.91 -3.39
N LYS A 589 -14.65 17.39 -2.96
CA LYS A 589 -14.51 17.99 -1.62
C LYS A 589 -15.48 19.17 -1.43
N ALA A 590 -15.45 20.10 -2.38
CA ALA A 590 -16.36 21.25 -2.30
C ALA A 590 -17.81 20.79 -2.33
N LEU A 591 -18.13 19.81 -3.17
CA LEU A 591 -19.50 19.27 -3.22
C LEU A 591 -19.88 18.61 -1.88
N ASN A 592 -18.96 17.81 -1.31
CA ASN A 592 -19.20 17.16 -0.02
C ASN A 592 -19.44 18.16 1.10
N ASP A 593 -18.60 19.19 1.18
CA ASP A 593 -18.82 20.30 2.13
C ASP A 593 -20.22 20.93 2.01
N PHE A 594 -20.63 21.22 0.77
CA PHE A 594 -21.97 21.76 0.52
C PHE A 594 -23.05 20.84 1.08
N VAL A 595 -22.96 19.55 0.75
CA VAL A 595 -23.92 18.54 1.20
C VAL A 595 -23.97 18.45 2.73
N LYS A 596 -22.81 18.55 3.36
CA LYS A 596 -22.69 18.54 4.83
C LYS A 596 -23.44 19.71 5.47
N VAL A 597 -23.23 20.91 4.93
CA VAL A 597 -23.93 22.11 5.39
C VAL A 597 -25.42 22.01 5.09
N SER A 598 -25.76 21.77 3.83
CA SER A 598 -27.17 21.67 3.42
C SER A 598 -27.97 20.65 4.24
N SER A 599 -27.40 19.45 4.41
CA SER A 599 -28.09 18.35 5.09
C SER A 599 -28.45 18.63 6.54
N GLN A 600 -27.84 19.66 7.13
CA GLN A 600 -28.17 20.01 8.51
C GLN A 600 -29.38 20.92 8.59
N LYS A 601 -29.66 21.61 7.50
CA LYS A 601 -30.72 22.61 7.49
C LYS A 601 -31.93 22.13 6.72
N THR A 602 -31.85 20.94 6.14
CA THR A 602 -32.88 20.48 5.21
C THR A 602 -32.98 18.95 5.09
N THR A 603 -34.04 18.45 4.46
CA THR A 603 -34.30 17.00 4.35
C THR A 603 -33.45 16.37 3.25
N LYS A 604 -33.30 15.05 3.27
CA LYS A 604 -32.44 14.35 2.30
C LYS A 604 -32.81 14.60 0.83
N PRO A 605 -34.12 14.44 0.46
CA PRO A 605 -34.48 14.75 -0.93
C PRO A 605 -34.13 16.19 -1.31
N GLN A 606 -34.25 17.10 -0.35
CA GLN A 606 -33.96 18.51 -0.60
C GLN A 606 -32.49 18.76 -0.87
N THR A 607 -31.61 18.08 -0.11
CA THR A 607 -30.17 18.24 -0.27
C THR A 607 -29.71 17.52 -1.53
N LYS A 608 -30.34 16.38 -1.84
CA LYS A 608 -30.00 15.59 -3.03
C LYS A 608 -30.27 16.41 -4.29
N GLU A 609 -31.46 16.97 -4.42
CA GLU A 609 -31.78 17.86 -5.54
C GLU A 609 -30.82 19.08 -5.64
N MET A 610 -30.42 19.64 -4.50
CA MET A 610 -29.41 20.71 -4.46
C MET A 610 -28.03 20.23 -4.91
N MET A 611 -27.67 19.04 -4.47
CA MET A 611 -26.42 18.41 -4.90
C MET A 611 -26.35 18.32 -6.42
N HIS A 612 -27.43 17.82 -7.01
CA HIS A 612 -27.58 17.69 -8.47
C HIS A 612 -27.44 18.99 -9.22
N MET A 613 -28.09 20.05 -8.71
CA MET A 613 -27.91 21.39 -9.29
C MET A 613 -26.47 21.88 -9.15
N CYS A 614 -25.84 21.62 -8.00
CA CYS A 614 -24.43 22.00 -7.88
C CYS A 614 -23.60 21.29 -8.95
N MET A 615 -23.89 20.00 -9.14
CA MET A 615 -23.12 19.13 -10.03
C MET A 615 -23.34 19.50 -11.49
N ARG A 616 -24.54 19.95 -11.82
CA ARG A 616 -24.87 20.31 -13.18
C ARG A 616 -24.34 21.66 -13.62
N GLN A 617 -23.68 22.42 -12.73
CA GLN A 617 -22.90 23.59 -13.18
C GLN A 617 -21.76 23.14 -14.10
N GLU A 618 -21.48 23.97 -15.12
CA GLU A 618 -20.49 23.64 -16.16
C GLU A 618 -19.12 23.26 -15.63
N THR A 619 -18.65 24.03 -14.65
CA THR A 619 -17.38 23.82 -13.98
C THR A 619 -17.27 22.42 -13.32
N TYR A 620 -18.40 21.93 -12.79
CA TYR A 620 -18.48 20.63 -12.17
C TYR A 620 -18.62 19.49 -13.20
N MET A 621 -19.57 19.61 -14.12
CA MET A 621 -19.80 18.61 -15.15
C MET A 621 -18.48 18.33 -15.85
N GLU A 622 -17.76 19.41 -16.11
CA GLU A 622 -16.49 19.30 -16.77
C GLU A 622 -15.40 18.67 -15.89
N ALA A 623 -15.22 19.19 -14.66
CA ALA A 623 -14.15 18.64 -13.78
C ALA A 623 -14.40 17.17 -13.37
N LEU A 624 -15.66 16.80 -13.21
CA LEU A 624 -16.04 15.47 -12.78
C LEU A 624 -16.14 14.39 -13.88
N SER A 625 -15.97 14.74 -15.15
CA SER A 625 -16.19 13.84 -16.27
C SER A 625 -14.91 13.60 -17.06
N HIS A 626 -14.85 12.46 -17.74
CA HIS A 626 -13.73 12.12 -18.63
C HIS A 626 -12.41 12.06 -17.88
N LEU A 627 -12.34 11.20 -16.89
CA LEU A 627 -11.06 10.99 -16.25
C LEU A 627 -10.78 9.51 -16.03
N GLN A 628 -9.52 9.19 -15.79
CA GLN A 628 -9.14 7.87 -15.29
C GLN A 628 -9.46 7.83 -13.80
N SER A 629 -10.00 6.71 -13.36
CA SER A 629 -10.23 6.56 -11.94
C SER A 629 -8.94 6.50 -11.09
N PRO A 630 -8.89 7.29 -10.02
CA PRO A 630 -7.77 7.14 -9.07
C PRO A 630 -7.67 5.72 -8.46
N LEU A 631 -8.80 5.04 -8.29
CA LEU A 631 -8.82 3.67 -7.78
C LEU A 631 -8.19 2.63 -8.72
N ASP A 632 -8.12 2.94 -10.02
CA ASP A 632 -7.72 1.99 -11.04
C ASP A 632 -7.60 2.76 -12.36
N PRO A 633 -6.38 3.10 -12.77
CA PRO A 633 -6.29 3.95 -13.97
C PRO A 633 -6.85 3.30 -15.24
N SER A 634 -7.17 2.01 -15.18
CA SER A 634 -7.70 1.36 -16.37
C SER A 634 -9.23 1.48 -16.45
N THR A 635 -9.86 1.86 -15.34
CA THR A 635 -11.27 2.19 -15.37
C THR A 635 -11.42 3.67 -15.74
N LEU A 636 -12.14 3.90 -16.82
CA LEU A 636 -12.41 5.22 -17.35
C LEU A 636 -13.73 5.76 -16.76
N LEU A 637 -13.71 6.98 -16.22
CA LEU A 637 -14.92 7.58 -15.65
C LEU A 637 -15.40 8.62 -16.65
N GLU A 638 -16.36 8.24 -17.49
CA GLU A 638 -16.75 9.06 -18.63
C GLU A 638 -17.74 10.17 -18.27
N GLU A 639 -19.02 9.98 -18.56
CA GLU A 639 -19.99 10.98 -18.13
C GLU A 639 -20.54 10.66 -16.74
N VAL A 640 -20.42 11.65 -15.84
CA VAL A 640 -21.03 11.56 -14.52
C VAL A 640 -22.53 11.52 -14.73
N CYS A 641 -23.20 10.60 -14.04
N CYS A 641 -23.20 10.61 -14.01
CA CYS A 641 -24.64 10.43 -14.16
CA CYS A 641 -24.62 10.40 -14.16
C CYS A 641 -25.28 11.06 -12.95
C CYS A 641 -25.31 11.04 -12.96
N VAL A 642 -25.71 12.31 -13.11
CA VAL A 642 -26.10 13.17 -11.98
C VAL A 642 -27.29 12.65 -11.21
N GLU A 643 -28.31 12.21 -11.95
CA GLU A 643 -29.55 11.73 -11.39
C GLU A 643 -29.32 10.58 -10.45
N GLN A 644 -28.26 9.80 -10.70
CA GLN A 644 -27.98 8.66 -9.84
C GLN A 644 -27.00 9.00 -8.72
N CYS A 645 -26.55 10.25 -8.63
CA CYS A 645 -25.61 10.57 -7.56
C CYS A 645 -26.42 10.93 -6.34
N THR A 646 -25.88 10.61 -5.16
CA THR A 646 -26.59 10.90 -3.91
C THR A 646 -25.57 10.94 -2.80
N PHE A 647 -26.03 10.80 -1.56
CA PHE A 647 -25.14 10.77 -0.41
C PHE A 647 -25.78 9.95 0.68
N MET A 648 -24.94 9.42 1.55
CA MET A 648 -25.41 8.80 2.78
C MET A 648 -25.69 9.86 3.84
N ASP A 649 -26.97 10.01 4.18
CA ASP A 649 -27.40 10.99 5.16
C ASP A 649 -27.08 10.53 6.57
N SER A 650 -25.79 10.28 6.84
CA SER A 650 -25.30 9.95 8.17
C SER A 650 -23.79 10.06 8.29
N LYS A 651 -23.31 10.25 9.52
CA LYS A 651 -21.88 10.32 9.83
C LYS A 651 -21.16 11.38 8.99
N MET A 652 -20.27 10.95 8.10
CA MET A 652 -19.40 11.84 7.31
C MET A 652 -20.05 12.28 5.99
N LYS A 653 -21.32 11.90 5.81
CA LYS A 653 -22.06 12.12 4.56
C LYS A 653 -21.24 11.79 3.31
N PRO A 654 -20.75 10.53 3.17
CA PRO A 654 -20.01 10.22 1.96
C PRO A 654 -20.88 10.32 0.72
N LEU A 655 -20.24 10.60 -0.40
CA LEU A 655 -20.93 10.77 -1.67
C LEU A 655 -20.90 9.49 -2.50
N TRP A 656 -22.00 9.25 -3.21
CA TRP A 656 -22.14 8.14 -4.12
C TRP A 656 -22.20 8.74 -5.52
N ILE A 657 -21.17 8.50 -6.31
CA ILE A 657 -21.05 9.14 -7.60
C ILE A 657 -21.01 8.10 -8.70
N MET A 658 -22.02 8.12 -9.57
CA MET A 658 -22.11 7.18 -10.69
C MET A 658 -21.63 7.77 -12.01
N TYR A 659 -21.19 6.88 -12.90
CA TYR A 659 -20.70 7.23 -14.22
C TYR A 659 -21.28 6.29 -15.24
N SER A 660 -21.27 6.69 -16.51
CA SER A 660 -21.56 5.80 -17.62
C SER A 660 -20.74 6.14 -18.84
N SER A 661 -20.63 5.18 -19.74
CA SER A 661 -19.90 5.32 -20.98
C SER A 661 -20.65 4.55 -22.07
N GLU A 662 -21.07 5.22 -23.13
CA GLU A 662 -21.65 4.53 -24.29
C GLU A 662 -20.67 3.44 -24.81
N GLU A 663 -19.42 3.87 -25.04
CA GLU A 663 -18.36 3.03 -25.61
C GLU A 663 -18.00 1.76 -24.80
N ALA A 664 -18.19 1.81 -23.49
CA ALA A 664 -17.93 0.65 -22.62
C ALA A 664 -19.17 -0.20 -22.35
N GLY A 665 -20.36 0.33 -22.68
CA GLY A 665 -21.65 -0.34 -22.44
C GLY A 665 -21.92 -0.57 -20.97
N SER A 666 -22.63 -1.66 -20.66
CA SER A 666 -22.83 -2.10 -19.27
C SER A 666 -21.59 -2.04 -18.37
N ALA A 667 -20.40 -2.17 -18.97
CA ALA A 667 -19.13 -2.14 -18.21
C ALA A 667 -18.68 -0.71 -17.90
N GLY A 668 -19.27 0.25 -18.61
CA GLY A 668 -19.02 1.66 -18.37
C GLY A 668 -19.77 2.17 -17.16
N ASN A 669 -20.69 1.36 -16.64
CA ASN A 669 -21.49 1.74 -15.49
C ASN A 669 -20.75 1.41 -14.21
N VAL A 670 -20.11 2.43 -13.63
CA VAL A 670 -19.24 2.23 -12.49
C VAL A 670 -19.45 3.39 -11.53
N GLY A 671 -19.21 3.16 -10.25
CA GLY A 671 -19.37 4.23 -9.29
C GLY A 671 -18.20 4.39 -8.36
N ILE A 672 -18.07 5.57 -7.78
CA ILE A 672 -17.06 5.78 -6.74
C ILE A 672 -17.71 6.42 -5.54
N ILE A 673 -17.12 6.17 -4.39
CA ILE A 673 -17.62 6.71 -3.15
C ILE A 673 -16.53 7.68 -2.75
N PHE A 674 -16.93 8.91 -2.49
CA PHE A 674 -15.98 9.91 -2.00
C PHE A 674 -16.30 10.12 -0.54
N LYS A 675 -15.27 10.06 0.29
CA LYS A 675 -15.44 10.26 1.72
C LYS A 675 -14.40 11.22 2.27
N ASN A 676 -14.85 12.13 3.10
CA ASN A 676 -13.99 13.11 3.67
C ASN A 676 -14.35 13.25 5.15
N GLY A 677 -13.38 12.98 6.00
CA GLY A 677 -13.62 13.06 7.44
C GLY A 677 -12.97 11.91 8.18
N ASP A 678 -12.75 10.81 7.46
CA ASP A 678 -12.20 9.58 8.06
C ASP A 678 -10.82 9.25 7.52
N ASP A 679 -9.96 8.77 8.41
CA ASP A 679 -8.68 8.18 8.04
C ASP A 679 -8.94 6.87 7.27
N LEU A 680 -8.55 6.84 6.01
CA LEU A 680 -8.80 5.68 5.13
C LEU A 680 -7.67 4.64 5.04
N ARG A 681 -6.55 4.95 5.67
CA ARG A 681 -5.35 4.12 5.63
C ARG A 681 -5.58 2.68 6.12
N GLN A 682 -6.22 2.55 7.28
CA GLN A 682 -6.50 1.26 7.88
C GLN A 682 -7.40 0.40 6.96
N ASP A 683 -8.42 1.02 6.38
CA ASP A 683 -9.28 0.32 5.44
C ASP A 683 -8.50 -0.17 4.25
N MET A 684 -7.61 0.68 3.71
CA MET A 684 -6.81 0.30 2.54
C MET A 684 -5.88 -0.88 2.86
N LEU A 685 -5.16 -0.81 3.97
CA LEU A 685 -4.28 -1.89 4.41
C LEU A 685 -5.05 -3.21 4.54
N THR A 686 -6.17 -3.18 5.25
CA THR A 686 -7.00 -4.35 5.47
C THR A 686 -7.42 -4.98 4.15
N LEU A 687 -7.91 -4.14 3.23
CA LEU A 687 -8.34 -4.61 1.93
C LEU A 687 -7.19 -5.14 1.06
N GLN A 688 -6.02 -4.52 1.15
CA GLN A 688 -4.87 -5.04 0.42
C GLN A 688 -4.41 -6.40 0.95
N MET A 689 -4.56 -6.65 2.25
CA MET A 689 -4.15 -7.91 2.85
C MET A 689 -5.12 -9.05 2.49
N ILE A 690 -6.41 -8.72 2.48
CA ILE A 690 -7.43 -9.64 1.99
C ILE A 690 -7.15 -9.94 0.51
N GLN A 691 -6.84 -8.92 -0.27
CA GLN A 691 -6.51 -9.13 -1.66
C GLN A 691 -5.28 -10.03 -1.82
N LEU A 692 -4.32 -9.87 -0.91
CA LEU A 692 -3.14 -10.74 -0.92
C LEU A 692 -3.51 -12.22 -0.64
N MET A 693 -4.33 -12.44 0.39
CA MET A 693 -4.86 -13.78 0.70
C MET A 693 -5.49 -14.43 -0.54
N ASP A 694 -6.36 -13.70 -1.22
CA ASP A 694 -7.00 -14.15 -2.46
C ASP A 694 -5.96 -14.58 -3.51
N VAL A 695 -4.94 -13.74 -3.74
CA VAL A 695 -3.84 -14.11 -4.64
C VAL A 695 -3.19 -15.44 -4.22
N LEU A 696 -2.80 -15.56 -2.96
CA LEU A 696 -2.10 -16.75 -2.46
C LEU A 696 -3.01 -17.97 -2.56
N TRP A 697 -4.28 -17.78 -2.22
CA TRP A 697 -5.27 -18.85 -2.36
C TRP A 697 -5.38 -19.29 -3.81
N LYS A 698 -5.49 -18.33 -4.73
CA LYS A 698 -5.59 -18.67 -6.14
C LYS A 698 -4.34 -19.36 -6.68
N GLN A 699 -3.17 -18.96 -6.20
CA GLN A 699 -1.92 -19.63 -6.60
C GLN A 699 -1.92 -21.12 -6.27
N GLU A 700 -2.79 -21.55 -5.36
CA GLU A 700 -2.96 -22.99 -5.05
C GLU A 700 -4.28 -23.57 -5.56
N GLY A 701 -4.85 -22.97 -6.59
CA GLY A 701 -6.13 -23.42 -7.15
C GLY A 701 -7.37 -23.29 -6.26
N LEU A 702 -7.35 -22.35 -5.30
CA LEU A 702 -8.51 -22.11 -4.47
C LEU A 702 -9.10 -20.72 -4.75
N ASP A 703 -10.27 -20.71 -5.39
CA ASP A 703 -10.99 -19.48 -5.68
C ASP A 703 -12.13 -19.32 -4.67
N LEU A 704 -12.00 -18.40 -3.73
CA LEU A 704 -13.05 -18.25 -2.72
C LEU A 704 -13.99 -17.09 -3.09
N ARG A 705 -13.97 -16.71 -4.37
CA ARG A 705 -14.98 -15.81 -4.90
C ARG A 705 -15.00 -14.52 -4.10
N MET A 706 -13.81 -13.97 -3.85
CA MET A 706 -13.66 -12.73 -3.10
C MET A 706 -14.02 -11.45 -3.90
N THR A 707 -14.25 -10.34 -3.17
CA THR A 707 -14.59 -9.03 -3.78
C THR A 707 -13.53 -8.00 -3.39
N PRO A 708 -12.40 -7.99 -4.12
CA PRO A 708 -11.31 -7.08 -3.76
C PRO A 708 -11.49 -5.67 -4.32
N TYR A 709 -12.43 -4.92 -3.80
CA TYR A 709 -12.74 -3.59 -4.37
C TYR A 709 -11.68 -2.51 -3.94
N GLY A 710 -11.46 -1.52 -4.80
CA GLY A 710 -10.46 -0.47 -4.54
C GLY A 710 -10.82 0.41 -3.36
N CYS A 711 -9.77 0.80 -2.61
CA CYS A 711 -9.89 1.78 -1.59
C CYS A 711 -8.59 2.55 -1.63
N LEU A 712 -8.67 3.87 -1.71
CA LEU A 712 -7.52 4.70 -2.02
C LEU A 712 -7.56 6.04 -1.32
N PRO A 713 -6.73 6.22 -0.27
CA PRO A 713 -6.56 7.53 0.35
C PRO A 713 -5.95 8.47 -0.67
N THR A 714 -6.47 9.69 -0.73
CA THR A 714 -6.01 10.67 -1.72
C THR A 714 -5.49 11.92 -1.07
N GLY A 715 -5.90 12.17 0.16
CA GLY A 715 -5.55 13.45 0.82
C GLY A 715 -5.78 13.37 2.30
N ASP A 716 -5.79 14.54 2.94
CA ASP A 716 -6.01 14.61 4.38
C ASP A 716 -7.41 14.10 4.71
N ARG A 717 -7.46 12.86 5.23
CA ARG A 717 -8.71 12.19 5.65
C ARG A 717 -9.71 12.16 4.51
N THR A 718 -9.19 11.92 3.31
CA THR A 718 -9.97 11.96 2.11
C THR A 718 -9.49 10.80 1.28
N GLY A 719 -10.43 10.10 0.66
CA GLY A 719 -10.10 9.23 -0.46
C GLY A 719 -11.33 8.61 -1.05
N LEU A 720 -11.10 7.57 -1.84
CA LEU A 720 -12.16 6.98 -2.66
C LEU A 720 -12.30 5.53 -2.32
N ILE A 721 -13.54 5.03 -2.47
CA ILE A 721 -13.86 3.62 -2.36
C ILE A 721 -14.59 3.21 -3.65
N GLU A 722 -14.23 2.04 -4.20
CA GLU A 722 -14.87 1.55 -5.41
C GLU A 722 -16.25 1.00 -5.08
N VAL A 723 -17.25 1.40 -5.87
CA VAL A 723 -18.59 0.92 -5.66
C VAL A 723 -18.72 -0.51 -6.18
N VAL A 724 -19.24 -1.41 -5.33
CA VAL A 724 -19.69 -2.72 -5.80
C VAL A 724 -21.21 -2.62 -6.01
N LEU A 725 -21.62 -2.59 -7.27
CA LEU A 725 -23.02 -2.43 -7.60
C LEU A 725 -23.73 -3.75 -7.39
N HIS A 726 -25.07 -3.71 -7.38
CA HIS A 726 -25.86 -4.93 -7.29
C HIS A 726 -25.60 -5.63 -5.94
N SER A 727 -25.47 -4.83 -4.90
CA SER A 727 -25.21 -5.37 -3.59
C SER A 727 -25.98 -4.58 -2.58
N ASP A 728 -26.35 -5.26 -1.51
CA ASP A 728 -27.03 -4.63 -0.42
C ASP A 728 -26.38 -5.15 0.84
N THR A 729 -26.60 -4.46 1.96
CA THR A 729 -26.15 -4.95 3.28
C THR A 729 -27.08 -6.02 3.81
N ILE A 730 -26.50 -6.94 4.59
CA ILE A 730 -27.29 -7.90 5.37
C ILE A 730 -28.37 -7.23 6.22
N ALA A 731 -28.03 -6.13 6.89
CA ALA A 731 -29.04 -5.39 7.68
C ALA A 731 -30.24 -4.96 6.83
N ASN A 732 -29.98 -4.37 5.69
CA ASN A 732 -31.09 -3.96 4.82
C ASN A 732 -31.97 -5.17 4.45
N ILE A 733 -31.33 -6.24 4.01
CA ILE A 733 -32.05 -7.45 3.69
C ILE A 733 -32.81 -7.97 4.91
N GLN A 734 -32.17 -7.98 6.07
CA GLN A 734 -32.84 -8.46 7.30
C GLN A 734 -33.93 -7.57 7.84
N LEU A 735 -34.08 -6.38 7.26
CA LEU A 735 -35.20 -5.52 7.60
C LEU A 735 -36.53 -6.23 7.29
N ASN A 736 -36.48 -7.22 6.39
CA ASN A 736 -37.60 -8.13 6.12
C ASN A 736 -38.88 -7.36 5.80
N LYS A 737 -38.76 -6.46 4.83
CA LYS A 737 -39.87 -5.61 4.43
C LYS A 737 -40.91 -6.38 3.63
N SER A 738 -42.18 -6.14 3.95
CA SER A 738 -43.31 -6.72 3.22
C SER A 738 -43.34 -6.14 1.82
N ASN A 739 -44.20 -6.68 0.94
CA ASN A 739 -44.41 -6.11 -0.39
C ASN A 739 -43.19 -6.29 -1.29
N MET A 740 -42.36 -7.25 -0.92
CA MET A 740 -41.16 -7.62 -1.66
C MET A 740 -41.22 -9.14 -1.89
N ALA A 741 -40.25 -9.66 -2.65
CA ALA A 741 -40.22 -11.07 -2.99
C ALA A 741 -39.39 -11.85 -1.98
N ALA A 742 -38.67 -11.13 -1.12
CA ALA A 742 -37.86 -11.76 -0.07
C ALA A 742 -38.61 -11.93 1.27
N THR A 743 -39.85 -11.44 1.35
CA THR A 743 -40.64 -11.47 2.58
C THR A 743 -40.91 -12.90 3.05
N ALA A 744 -40.50 -13.21 4.29
CA ALA A 744 -40.58 -14.58 4.82
C ALA A 744 -41.42 -14.76 6.09
N ALA A 745 -41.77 -16.01 6.37
CA ALA A 745 -42.48 -16.39 7.58
C ALA A 745 -41.60 -16.18 8.81
N PHE A 746 -40.30 -16.41 8.64
CA PHE A 746 -39.33 -16.33 9.72
C PHE A 746 -38.15 -15.48 9.27
N ASN A 747 -37.62 -14.67 10.18
CA ASN A 747 -36.51 -13.75 9.81
C ASN A 747 -35.24 -14.45 9.29
N LYS A 748 -34.94 -15.64 9.81
CA LYS A 748 -33.77 -16.41 9.35
C LYS A 748 -33.84 -16.78 7.87
N ASP A 749 -35.06 -16.82 7.33
CA ASP A 749 -35.24 -17.06 5.90
C ASP A 749 -35.03 -15.86 4.97
N ALA A 750 -35.05 -14.64 5.54
CA ALA A 750 -34.95 -13.41 4.74
C ALA A 750 -33.83 -13.45 3.70
N LEU A 751 -32.64 -13.79 4.16
CA LEU A 751 -31.45 -13.77 3.36
C LEU A 751 -31.54 -14.79 2.20
N LEU A 752 -32.01 -15.99 2.51
CA LEU A 752 -32.19 -17.03 1.49
C LEU A 752 -33.27 -16.63 0.48
N ASN A 753 -34.34 -16.00 0.97
CA ASN A 753 -35.40 -15.53 0.08
C ASN A 753 -34.90 -14.47 -0.89
N TRP A 754 -33.97 -13.65 -0.41
CA TRP A 754 -33.43 -12.59 -1.24
C TRP A 754 -32.55 -13.23 -2.31
N LEU A 755 -31.75 -14.20 -1.90
CA LEU A 755 -30.90 -14.89 -2.85
C LEU A 755 -31.70 -15.61 -3.91
N LYS A 756 -32.75 -16.31 -3.47
CA LYS A 756 -33.70 -16.98 -4.38
C LYS A 756 -34.31 -16.02 -5.40
N SER A 757 -34.79 -14.87 -4.91
CA SER A 757 -35.42 -13.87 -5.78
C SER A 757 -34.45 -13.31 -6.82
N LYS A 758 -33.16 -13.28 -6.50
CA LYS A 758 -32.12 -12.81 -7.42
C LYS A 758 -31.60 -13.92 -8.35
N ASN A 759 -31.82 -15.17 -7.97
CA ASN A 759 -31.25 -16.30 -8.68
C ASN A 759 -32.29 -17.37 -8.90
N PRO A 760 -33.20 -17.15 -9.86
CA PRO A 760 -34.32 -18.04 -10.08
C PRO A 760 -33.88 -19.45 -10.46
N GLY A 761 -34.65 -20.43 -9.98
CA GLY A 761 -34.54 -21.85 -10.33
C GLY A 761 -33.13 -22.39 -10.27
N GLU A 762 -32.63 -22.80 -11.43
CA GLU A 762 -31.33 -23.43 -11.54
C GLU A 762 -30.16 -22.56 -11.13
N ALA A 763 -30.35 -21.24 -11.15
CA ALA A 763 -29.28 -20.31 -10.72
C ALA A 763 -29.01 -20.32 -9.21
N LEU A 764 -30.00 -20.73 -8.42
CA LEU A 764 -29.91 -20.74 -6.96
C LEU A 764 -28.75 -21.57 -6.40
N ASP A 765 -28.56 -22.79 -6.91
CA ASP A 765 -27.43 -23.63 -6.49
C ASP A 765 -26.09 -22.89 -6.51
N ARG A 766 -25.82 -22.20 -7.62
CA ARG A 766 -24.56 -21.50 -7.83
C ARG A 766 -24.39 -20.32 -6.86
N ALA A 767 -25.46 -19.56 -6.65
CA ALA A 767 -25.39 -18.43 -5.72
C ALA A 767 -25.06 -18.89 -4.30
N ILE A 768 -25.71 -19.97 -3.85
CA ILE A 768 -25.39 -20.59 -2.57
C ILE A 768 -23.91 -21.01 -2.44
N GLU A 769 -23.33 -21.55 -3.53
CA GLU A 769 -21.91 -21.91 -3.51
C GLU A 769 -20.99 -20.68 -3.47
N GLU A 770 -21.29 -19.69 -4.32
CA GLU A 770 -20.61 -18.40 -4.29
C GLU A 770 -20.62 -17.84 -2.85
N PHE A 771 -21.79 -17.87 -2.22
CA PHE A 771 -21.93 -17.44 -0.81
C PHE A 771 -21.03 -18.22 0.16
N THR A 772 -20.97 -19.54 -0.05
CA THR A 772 -20.25 -20.45 0.85
C THR A 772 -18.76 -20.24 0.73
N LEU A 773 -18.29 -20.15 -0.50
CA LEU A 773 -16.88 -19.88 -0.80
C LEU A 773 -16.43 -18.53 -0.19
N SER A 774 -17.19 -17.46 -0.45
CA SER A 774 -16.76 -16.11 -0.01
C SER A 774 -16.87 -16.03 1.50
N CYS A 775 -17.93 -16.61 2.03
CA CYS A 775 -18.08 -16.69 3.47
C CYS A 775 -16.83 -17.29 4.12
N ALA A 776 -16.34 -18.41 3.59
CA ALA A 776 -15.16 -19.06 4.15
C ALA A 776 -13.97 -18.14 4.08
N GLY A 777 -13.78 -17.53 2.92
CA GLY A 777 -12.72 -16.54 2.76
C GLY A 777 -12.80 -15.44 3.84
N TYR A 778 -13.95 -14.74 3.92
CA TYR A 778 -14.03 -13.59 4.81
C TYR A 778 -13.95 -14.01 6.27
N CYS A 779 -14.49 -15.18 6.61
CA CYS A 779 -14.39 -15.69 7.99
C CYS A 779 -12.95 -15.94 8.41
N VAL A 780 -12.13 -16.45 7.47
CA VAL A 780 -10.74 -16.72 7.73
C VAL A 780 -9.94 -15.41 7.71
N ALA A 781 -10.26 -14.52 6.77
CA ALA A 781 -9.53 -13.26 6.70
C ALA A 781 -9.73 -12.43 7.97
N THR A 782 -10.96 -12.30 8.44
CA THR A 782 -11.25 -11.40 9.57
C THR A 782 -10.71 -12.02 10.85
N TYR A 783 -10.74 -13.35 10.92
CA TYR A 783 -10.16 -14.07 12.04
C TYR A 783 -8.64 -13.89 12.12
N VAL A 784 -7.94 -14.21 11.04
CA VAL A 784 -6.49 -14.03 10.96
C VAL A 784 -6.09 -12.57 11.29
N LEU A 785 -6.78 -11.59 10.69
CA LEU A 785 -6.45 -10.18 10.91
C LEU A 785 -6.91 -9.56 12.25
N GLY A 786 -7.74 -10.27 13.02
CA GLY A 786 -8.33 -9.71 14.24
C GLY A 786 -9.38 -8.63 14.02
N ILE A 787 -10.14 -8.73 12.95
CA ILE A 787 -11.19 -7.75 12.65
C ILE A 787 -12.50 -8.10 13.36
N GLY A 788 -12.72 -7.51 14.53
CA GLY A 788 -13.97 -7.71 15.27
C GLY A 788 -15.01 -6.65 14.93
N ASP A 789 -16.06 -6.59 15.73
CA ASP A 789 -17.14 -5.61 15.53
C ASP A 789 -17.77 -5.83 14.14
N ARG A 790 -17.95 -7.09 13.76
CA ARG A 790 -18.64 -7.36 12.52
C ARG A 790 -20.10 -7.62 12.83
N HIS A 791 -20.97 -6.91 12.12
CA HIS A 791 -22.40 -7.09 12.26
C HIS A 791 -23.11 -6.85 10.93
N SER A 792 -24.43 -7.04 10.94
CA SER A 792 -25.25 -6.98 9.73
C SER A 792 -25.06 -5.68 8.91
N ASP A 793 -24.62 -4.62 9.57
CA ASP A 793 -24.43 -3.30 8.94
C ASP A 793 -23.17 -3.16 8.09
N ASN A 794 -22.12 -3.88 8.43
CA ASN A 794 -20.86 -3.81 7.68
C ASN A 794 -20.51 -5.07 6.90
N ILE A 795 -21.52 -5.90 6.67
CA ILE A 795 -21.39 -7.02 5.75
C ILE A 795 -22.33 -6.82 4.56
N MET A 796 -21.85 -7.01 3.34
CA MET A 796 -22.72 -6.92 2.15
C MET A 796 -22.79 -8.22 1.36
N ILE A 797 -23.78 -8.32 0.50
CA ILE A 797 -23.86 -9.45 -0.41
C ILE A 797 -24.24 -8.98 -1.80
N ARG A 798 -23.57 -9.57 -2.78
CA ARG A 798 -23.88 -9.38 -4.16
C ARG A 798 -25.00 -10.29 -4.62
N GLU A 799 -25.64 -9.91 -5.73
CA GLU A 799 -26.74 -10.68 -6.28
C GLU A 799 -26.30 -12.04 -6.80
N SER A 800 -25.01 -12.17 -7.11
CA SER A 800 -24.39 -13.50 -7.33
C SER A 800 -24.32 -14.37 -6.03
N GLY A 801 -24.56 -13.78 -4.87
CA GLY A 801 -24.37 -14.50 -3.61
C GLY A 801 -23.02 -14.26 -2.92
N GLN A 802 -22.08 -13.63 -3.61
CA GLN A 802 -20.78 -13.27 -3.01
C GLN A 802 -20.89 -12.31 -1.84
N LEU A 803 -20.44 -12.77 -0.68
CA LEU A 803 -20.43 -11.99 0.53
C LEU A 803 -19.16 -11.17 0.58
N PHE A 804 -19.22 -9.96 1.16
CA PHE A 804 -17.99 -9.17 1.38
C PHE A 804 -18.11 -8.16 2.54
N HIS A 805 -17.00 -7.53 2.89
CA HIS A 805 -17.00 -6.67 4.07
C HIS A 805 -16.68 -5.22 3.76
N ILE A 806 -17.33 -4.34 4.50
CA ILE A 806 -17.12 -2.90 4.33
C ILE A 806 -16.76 -2.23 5.67
N ASP A 807 -16.30 -0.99 5.63
CA ASP A 807 -16.05 -0.18 6.85
C ASP A 807 -15.26 -0.91 7.95
N PHE A 808 -14.01 -1.22 7.65
CA PHE A 808 -13.14 -1.85 8.61
C PHE A 808 -12.65 -0.75 9.54
N GLY A 809 -12.85 -0.91 10.84
CA GLY A 809 -12.37 0.11 11.76
C GLY A 809 -11.28 -0.38 12.67
N HIS A 810 -11.33 -1.66 13.00
CA HIS A 810 -10.50 -2.22 14.05
C HIS A 810 -9.93 -3.56 13.65
N PHE A 811 -8.60 -3.69 13.68
CA PHE A 811 -7.96 -4.99 13.45
C PHE A 811 -6.83 -5.33 14.44
N LEU A 812 -6.29 -6.54 14.31
CA LEU A 812 -5.31 -7.07 15.25
C LEU A 812 -5.82 -7.01 16.70
N GLY A 813 -7.12 -7.23 16.85
CA GLY A 813 -7.75 -7.40 18.16
C GLY A 813 -7.75 -6.13 18.97
N ASN A 814 -7.68 -5.00 18.29
CA ASN A 814 -7.88 -3.71 18.93
C ASN A 814 -9.35 -3.36 18.77
N PHE A 815 -10.06 -3.46 19.89
CA PHE A 815 -11.52 -3.35 19.95
C PHE A 815 -12.01 -1.94 20.28
N ARG A 825 -8.22 -10.15 21.59
CA ARG A 825 -8.17 -11.49 20.99
C ARG A 825 -9.56 -11.93 20.50
N VAL A 826 -9.87 -11.63 19.24
CA VAL A 826 -11.21 -11.89 18.67
C VAL A 826 -11.44 -13.36 18.26
N PRO A 827 -12.59 -13.94 18.64
CA PRO A 827 -12.84 -15.34 18.32
C PRO A 827 -13.22 -15.52 16.85
N PHE A 828 -13.14 -16.75 16.33
CA PHE A 828 -13.66 -17.06 15.00
C PHE A 828 -15.17 -16.90 15.05
N ILE A 829 -15.74 -16.37 13.97
CA ILE A 829 -17.15 -15.99 13.95
C ILE A 829 -17.93 -16.84 12.96
N LEU A 830 -18.93 -17.54 13.46
CA LEU A 830 -19.95 -18.19 12.63
C LEU A 830 -21.29 -17.57 12.95
N THR A 831 -21.90 -16.95 11.95
CA THR A 831 -23.19 -16.33 12.15
C THR A 831 -24.29 -17.24 11.65
N TYR A 832 -25.27 -17.45 12.52
CA TYR A 832 -26.41 -18.29 12.27
C TYR A 832 -27.04 -18.13 10.87
N ASP A 833 -27.27 -16.89 10.44
CA ASP A 833 -27.95 -16.61 9.16
C ASP A 833 -27.12 -17.07 7.98
N PHE A 834 -25.80 -17.00 8.14
CA PHE A 834 -24.86 -17.41 7.11
C PHE A 834 -24.78 -18.94 7.06
N VAL A 835 -24.67 -19.55 8.25
CA VAL A 835 -24.73 -21.00 8.43
C VAL A 835 -26.04 -21.49 7.83
N HIS A 836 -27.11 -20.72 8.01
CA HIS A 836 -28.43 -21.13 7.53
C HIS A 836 -28.48 -21.19 5.99
N VAL A 837 -27.83 -20.22 5.34
CA VAL A 837 -27.75 -20.18 3.87
C VAL A 837 -26.83 -21.30 3.31
N ILE A 838 -25.69 -21.52 3.95
CA ILE A 838 -24.74 -22.57 3.56
C ILE A 838 -25.43 -23.94 3.57
N GLN A 839 -26.35 -24.15 4.52
CA GLN A 839 -27.11 -25.40 4.66
C GLN A 839 -28.39 -25.46 3.82
N GLN A 840 -28.52 -24.56 2.83
CA GLN A 840 -29.61 -24.55 1.84
C GLN A 840 -30.99 -24.42 2.45
N GLY A 841 -31.05 -23.81 3.63
CA GLY A 841 -32.32 -23.61 4.33
C GLY A 841 -32.65 -24.68 5.34
N LYS A 842 -31.88 -25.78 5.36
CA LYS A 842 -32.23 -26.93 6.21
C LYS A 842 -31.71 -26.79 7.64
N THR A 843 -32.40 -27.39 8.61
CA THR A 843 -31.95 -27.38 10.01
C THR A 843 -30.67 -28.18 10.19
N ASN A 844 -30.57 -29.32 9.52
CA ASN A 844 -29.32 -30.08 9.49
C ASN A 844 -28.92 -30.41 8.09
N ASN A 845 -27.65 -30.18 7.80
CA ASN A 845 -27.09 -30.43 6.50
C ASN A 845 -25.58 -30.48 6.70
N SER A 846 -25.14 -31.56 7.33
CA SER A 846 -23.74 -31.70 7.67
C SER A 846 -22.90 -31.82 6.41
N GLU A 847 -23.48 -32.34 5.34
CA GLU A 847 -22.76 -32.44 4.09
C GLU A 847 -22.32 -31.05 3.62
N LYS A 848 -23.25 -30.08 3.59
CA LYS A 848 -22.88 -28.75 3.12
C LYS A 848 -22.05 -27.99 4.12
N PHE A 849 -22.35 -28.15 5.40
CA PHE A 849 -21.63 -27.40 6.43
C PHE A 849 -20.17 -27.85 6.55
N GLU A 850 -19.91 -29.15 6.43
CA GLU A 850 -18.53 -29.64 6.50
C GLU A 850 -17.72 -29.33 5.23
N ARG A 851 -18.36 -29.38 4.06
CA ARG A 851 -17.69 -28.80 2.88
C ARG A 851 -17.23 -27.39 3.19
N PHE A 852 -18.09 -26.62 3.85
CA PHE A 852 -17.77 -25.25 4.24
C PHE A 852 -16.57 -25.21 5.20
N ARG A 853 -16.55 -26.11 6.19
CA ARG A 853 -15.41 -26.27 7.09
C ARG A 853 -14.10 -26.58 6.33
N GLY A 854 -14.18 -27.49 5.36
CA GLY A 854 -13.05 -27.83 4.52
C GLY A 854 -12.44 -26.59 3.86
N TYR A 855 -13.30 -25.76 3.27
CA TYR A 855 -12.85 -24.48 2.70
C TYR A 855 -12.07 -23.61 3.69
N CYS A 856 -12.65 -23.43 4.88
CA CYS A 856 -12.03 -22.61 5.91
C CYS A 856 -10.66 -23.13 6.29
N GLU A 857 -10.58 -24.47 6.45
CA GLU A 857 -9.33 -25.16 6.82
C GLU A 857 -8.29 -25.04 5.73
N ARG A 858 -8.68 -25.32 4.48
CA ARG A 858 -7.79 -25.06 3.32
C ARG A 858 -7.31 -23.60 3.23
N ALA A 859 -8.24 -22.66 3.37
CA ALA A 859 -7.86 -21.22 3.30
C ALA A 859 -6.85 -20.89 4.40
N TYR A 860 -7.13 -21.39 5.61
CA TYR A 860 -6.29 -21.12 6.75
C TYR A 860 -4.88 -21.74 6.62
N THR A 861 -4.80 -23.01 6.21
CA THR A 861 -3.50 -23.67 6.08
C THR A 861 -2.64 -23.06 4.96
N ILE A 862 -3.26 -22.59 3.88
CA ILE A 862 -2.50 -21.89 2.84
C ILE A 862 -1.83 -20.58 3.36
N LEU A 863 -2.58 -19.80 4.15
CA LEU A 863 -2.05 -18.53 4.70
C LEU A 863 -0.87 -18.76 5.63
N ARG A 864 -0.95 -19.83 6.44
CA ARG A 864 0.19 -20.28 7.30
C ARG A 864 1.51 -20.48 6.57
N ARG A 865 1.44 -20.99 5.36
CA ARG A 865 2.66 -21.24 4.58
C ARG A 865 3.32 -19.95 4.13
N HIS A 866 2.53 -18.90 3.94
CA HIS A 866 3.09 -17.57 3.69
C HIS A 866 3.03 -16.68 4.93
N GLY A 867 2.97 -17.31 6.09
CA GLY A 867 2.92 -16.59 7.36
C GLY A 867 4.01 -15.54 7.44
N LEU A 868 5.22 -15.92 7.04
CA LEU A 868 6.35 -14.99 7.07
C LEU A 868 6.19 -13.77 6.16
N LEU A 869 5.44 -13.93 5.06
CA LEU A 869 5.21 -12.82 4.15
C LEU A 869 4.33 -11.74 4.81
N PHE A 870 3.25 -12.16 5.44
CA PHE A 870 2.43 -11.25 6.23
C PHE A 870 3.21 -10.54 7.35
N LEU A 871 4.04 -11.29 8.08
CA LEU A 871 4.91 -10.73 9.12
C LEU A 871 5.90 -9.66 8.62
N HIS A 872 6.59 -9.93 7.51
CA HIS A 872 7.54 -8.95 6.99
C HIS A 872 6.80 -7.73 6.46
N LEU A 873 5.64 -7.96 5.85
CA LEU A 873 4.83 -6.85 5.36
C LEU A 873 4.29 -5.95 6.49
N PHE A 874 3.66 -6.56 7.49
CA PHE A 874 3.19 -5.83 8.66
C PHE A 874 4.33 -5.09 9.38
N ALA A 875 5.51 -5.70 9.41
CA ALA A 875 6.68 -5.09 10.05
C ALA A 875 7.07 -3.81 9.34
N LEU A 876 6.97 -3.82 8.02
CA LEU A 876 7.34 -2.66 7.25
C LEU A 876 6.27 -1.57 7.44
N MET A 877 5.05 -1.99 7.77
CA MET A 877 3.92 -1.10 7.90
C MET A 877 3.97 -0.28 9.15
N ARG A 878 4.78 -0.71 10.12
CA ARG A 878 4.98 0.03 11.35
C ARG A 878 5.42 1.46 11.08
N ALA A 879 5.98 1.69 9.89
CA ALA A 879 6.43 3.03 9.50
C ALA A 879 5.25 3.98 9.20
N ALA A 880 4.04 3.43 9.18
CA ALA A 880 2.84 4.19 8.80
C ALA A 880 2.34 5.14 9.89
N GLY A 881 2.52 4.78 11.15
CA GLY A 881 1.96 5.55 12.26
C GLY A 881 0.55 5.17 12.71
N LEU A 882 -0.05 4.20 12.01
CA LEU A 882 -1.39 3.66 12.35
C LEU A 882 -1.47 3.30 13.84
N PRO A 883 -2.53 3.78 14.54
CA PRO A 883 -2.57 3.55 15.99
C PRO A 883 -2.82 2.09 16.36
N GLU A 884 -3.46 1.32 15.49
CA GLU A 884 -3.69 -0.11 15.77
C GLU A 884 -2.55 -1.01 15.30
N LEU A 885 -1.48 -0.39 14.80
CA LEU A 885 -0.28 -1.07 14.32
C LEU A 885 0.96 -0.33 14.83
N SER A 886 1.09 -0.29 16.16
CA SER A 886 2.07 0.54 16.86
C SER A 886 3.28 -0.20 17.44
N CYS A 887 3.07 -1.44 17.86
CA CYS A 887 4.07 -2.18 18.63
C CYS A 887 4.07 -3.70 18.42
N SER A 888 5.00 -4.37 19.09
CA SER A 888 5.19 -5.82 19.04
C SER A 888 3.92 -6.61 19.27
N LYS A 889 3.09 -6.12 20.18
CA LYS A 889 1.84 -6.75 20.57
C LYS A 889 0.91 -6.95 19.38
N ASP A 890 0.92 -5.98 18.46
CA ASP A 890 0.12 -6.04 17.23
C ASP A 890 0.66 -7.08 16.25
N ILE A 891 1.97 -7.15 16.11
CA ILE A 891 2.62 -8.16 15.25
C ILE A 891 2.34 -9.55 15.83
N GLN A 892 2.51 -9.65 17.14
CA GLN A 892 2.27 -10.87 17.90
C GLN A 892 0.86 -11.42 17.70
N TYR A 893 -0.10 -10.51 17.54
CA TYR A 893 -1.46 -10.90 17.21
C TYR A 893 -1.49 -11.84 16.00
N LEU A 894 -0.70 -11.51 14.98
CA LEU A 894 -0.66 -12.29 13.74
C LEU A 894 0.01 -13.65 13.90
N LYS A 895 0.98 -13.73 14.80
CA LYS A 895 1.65 -14.99 15.13
C LYS A 895 0.67 -15.93 15.80
N ASP A 896 -0.11 -15.40 16.74
CA ASP A 896 -1.05 -16.22 17.47
C ASP A 896 -2.23 -16.63 16.57
N SER A 897 -2.59 -15.76 15.62
CA SER A 897 -3.69 -16.08 14.70
C SER A 897 -3.31 -17.17 13.70
N LEU A 898 -2.10 -17.09 13.14
CA LEU A 898 -1.61 -18.11 12.21
C LEU A 898 -0.89 -19.29 12.89
N ALA A 899 -0.86 -19.27 14.22
CA ALA A 899 -0.21 -20.32 15.02
C ALA A 899 1.09 -20.80 14.38
N LEU A 900 1.98 -19.85 14.12
CA LEU A 900 3.20 -20.12 13.37
C LEU A 900 4.17 -21.08 14.04
N GLY A 901 4.30 -20.99 15.37
CA GLY A 901 5.19 -21.87 16.12
C GLY A 901 4.73 -23.31 16.25
N LYS A 902 3.62 -23.65 15.59
CA LYS A 902 3.10 -25.01 15.63
C LYS A 902 3.37 -25.74 14.33
N THR A 903 3.32 -27.07 14.39
CA THR A 903 3.27 -27.88 13.17
C THR A 903 1.89 -27.64 12.53
N GLU A 904 1.75 -27.95 11.25
CA GLU A 904 0.45 -27.76 10.60
C GLU A 904 -0.63 -28.58 11.32
N GLU A 905 -0.21 -29.72 11.87
CA GLU A 905 -1.10 -30.62 12.58
C GLU A 905 -1.69 -29.94 13.84
N GLU A 906 -0.81 -29.34 14.64
CA GLU A 906 -1.21 -28.65 15.86
C GLU A 906 -2.07 -27.41 15.59
N ALA A 907 -1.58 -26.54 14.72
CA ALA A 907 -2.32 -25.34 14.32
C ALA A 907 -3.73 -25.67 13.82
N LEU A 908 -3.84 -26.73 13.04
CA LEU A 908 -5.14 -27.17 12.53
C LEU A 908 -6.05 -27.64 13.65
N LYS A 909 -5.49 -28.45 14.55
CA LYS A 909 -6.14 -28.86 15.80
C LYS A 909 -6.69 -27.64 16.53
N HIS A 910 -5.82 -26.66 16.75
CA HIS A 910 -6.14 -25.40 17.41
C HIS A 910 -7.26 -24.67 16.66
N PHE A 911 -7.07 -24.48 15.36
CA PHE A 911 -8.07 -23.77 14.55
C PHE A 911 -9.44 -24.45 14.66
N ARG A 912 -9.43 -25.78 14.78
CA ARG A 912 -10.66 -26.58 14.85
C ARG A 912 -11.48 -26.33 16.11
N VAL A 913 -10.80 -26.22 17.23
CA VAL A 913 -11.47 -25.88 18.48
C VAL A 913 -12.10 -24.49 18.36
N LYS A 914 -11.35 -23.55 17.78
CA LYS A 914 -11.85 -22.18 17.55
C LYS A 914 -13.10 -22.19 16.67
N PHE A 915 -13.05 -23.00 15.61
CA PHE A 915 -14.17 -23.15 14.69
C PHE A 915 -15.37 -23.78 15.40
N ASN A 916 -15.14 -24.92 16.07
CA ASN A 916 -16.17 -25.61 16.85
C ASN A 916 -16.78 -24.70 17.91
N GLU A 917 -15.93 -24.02 18.67
CA GLU A 917 -16.39 -23.04 19.66
C GLU A 917 -17.27 -21.97 19.03
N ALA A 918 -17.00 -21.66 17.76
CA ALA A 918 -17.77 -20.67 17.01
C ALA A 918 -19.13 -21.19 16.54
N LEU A 919 -19.20 -22.46 16.13
CA LEU A 919 -20.49 -23.09 15.80
C LEU A 919 -21.42 -23.14 17.02
N ARG A 920 -20.84 -23.41 18.20
CA ARG A 920 -21.58 -23.39 19.46
C ARG A 920 -22.22 -22.03 19.70
N GLU A 921 -21.43 -20.96 19.50
CA GLU A 921 -21.91 -19.61 19.72
C GLU A 921 -23.14 -19.29 18.87
N SER A 922 -23.16 -19.76 17.62
CA SER A 922 -24.36 -19.74 16.75
C SER A 922 -25.52 -20.48 17.43
N TRP A 923 -26.56 -19.73 17.78
CA TRP A 923 -27.65 -20.17 18.71
C TRP A 923 -27.29 -21.37 19.57
CAT IC8 B . -25.42 0.73 -1.26
CAP IC8 B . -25.85 0.60 0.20
CAQ IC8 B . -26.83 -0.34 0.52
CAR IC8 B . -27.22 -0.51 1.86
CAJ IC8 B . -26.68 0.29 2.87
CAI IC8 B . -25.71 1.24 2.56
CAH IC8 B . -25.30 1.38 1.22
NAG IC8 B . -24.32 2.36 0.98
CAF IC8 B . -24.72 3.68 0.62
OAB IC8 B . -25.90 3.93 0.47
CAE IC8 B . -23.78 4.68 0.41
CAD IC8 B . -24.12 6.00 0.02
CAA IC8 B . -25.58 6.47 -0.21
CAC IC8 B . -23.12 6.94 -0.16
CAK IC8 B . -21.79 6.59 0.03
CAL IC8 B . -21.44 5.30 0.41
CAM IC8 B . -22.44 4.33 0.60
NAN IC8 B . -22.09 3.08 0.96
CAO IC8 B . -22.97 2.10 1.18
CAS IC8 B . -22.47 0.68 1.60
N9 IC8 B . -21.14 0.48 1.00
C8 IC8 B . -19.95 0.69 1.62
N7 IC8 B . -18.98 0.43 0.72
C5 IC8 B . -19.57 0.06 -0.42
C4 IC8 B . -20.95 0.10 -0.25
N3 IC8 B . -21.77 -0.23 -1.24
C2 IC8 B . -21.29 -0.59 -2.43
N1 IC8 B . -19.97 -0.65 -2.62
C6 IC8 B . -19.09 -0.33 -1.65
N6 IC8 B . -17.76 -0.39 -1.85
#